data_7VTE
#
_entry.id   7VTE
#
_cell.length_a   185.689
_cell.length_b   185.689
_cell.length_c   50.754
_cell.angle_alpha   90.0
_cell.angle_beta   90.0
_cell.angle_gamma   120.0
#
_symmetry.space_group_name_H-M   'P 3'
#
loop_
_entity.id
_entity.type
_entity.pdbx_description
1 polymer 'Pseudouridine kinase'
2 non-polymer 'POTASSIUM ION'
3 non-polymer URIDINE
4 water water
#
_entity_poly.entity_id   1
_entity_poly.type   'polypeptide(L)'
_entity_poly.pdbx_seq_one_letter_code
;MREKDYVVIIGSANIDVAGYSHESLNYADSNPGKIKFTPGGVGRNIAQNLALLGNKAWLLSAVGSDFYGQSLLTQTNQSG
VYVDKCLIVPGENTSSYLSLLDNTGEMLVAINDMNISNAITAEYLAQHREFIQRAKVIVADCNISEEALAWILDNAANVP
VFVDPVSAWKCVKVRDRLNQIHTLKPNRLEAETLSGIALSGRDDVAKVAAWFHQHGLNRLVLSMGGDGVYYSDIRGENGW
SAPIKTNVINVTGAGDAMMAGLASCWVDGMPFAESVRFAQGCSSMALSCEYTNNPDLSIANVISLVENAECLN
;
_entity_poly.pdbx_strand_id   A,B,C,D
#
loop_
_chem_comp.id
_chem_comp.type
_chem_comp.name
_chem_comp.formula
K non-polymer 'POTASSIUM ION' 'K 1'
URI non-polymer URIDINE 'C9 H12 N2 O6'
#
# COMPACT_ATOMS: atom_id res chain seq x y z
N LYS A 4 0.75 -27.32 6.57
CA LYS A 4 1.24 -25.95 6.63
C LYS A 4 0.34 -25.05 7.48
N ASP A 5 -0.17 -25.58 8.58
CA ASP A 5 -0.87 -24.75 9.54
C ASP A 5 0.16 -24.18 10.50
N TYR A 6 0.15 -22.87 10.67
CA TYR A 6 1.06 -22.20 11.58
C TYR A 6 0.31 -21.20 12.47
N VAL A 7 0.93 -20.86 13.58
CA VAL A 7 0.36 -19.95 14.55
C VAL A 7 1.23 -18.70 14.60
N VAL A 8 0.63 -17.52 14.73
CA VAL A 8 1.40 -16.28 14.81
C VAL A 8 1.26 -15.68 16.20
N ILE A 9 2.39 -15.37 16.83
CA ILE A 9 2.35 -14.74 18.15
C ILE A 9 2.96 -13.36 18.03
N ILE A 10 2.19 -12.34 18.42
CA ILE A 10 2.65 -10.96 18.36
C ILE A 10 2.74 -10.42 19.78
N GLY A 11 3.95 -10.32 20.30
CA GLY A 11 4.17 -9.95 21.68
C GLY A 11 5.59 -9.49 21.93
N SER A 12 5.97 -9.42 23.20
CA SER A 12 7.27 -8.86 23.54
C SER A 12 8.30 -9.95 23.80
N ALA A 13 9.55 -9.66 23.43
CA ALA A 13 10.66 -10.57 23.68
C ALA A 13 11.62 -9.92 24.66
N ASN A 14 11.77 -10.53 25.83
CA ASN A 14 12.62 -9.98 26.86
C ASN A 14 13.71 -10.94 27.31
N ILE A 15 14.70 -10.40 28.00
CA ILE A 15 15.63 -11.21 28.78
C ILE A 15 15.34 -10.98 30.25
N ASP A 16 14.95 -12.04 30.95
CA ASP A 16 14.75 -11.92 32.38
C ASP A 16 16.10 -12.15 33.04
N VAL A 17 16.54 -11.20 33.86
CA VAL A 17 17.76 -11.43 34.62
C VAL A 17 17.39 -11.47 36.08
N ALA A 18 17.70 -12.58 36.75
CA ALA A 18 17.35 -12.74 38.15
C ALA A 18 18.58 -12.93 39.00
N GLY A 19 18.70 -12.12 40.05
CA GLY A 19 19.83 -12.23 40.95
C GLY A 19 19.44 -12.31 42.41
N TYR A 20 20.09 -13.20 43.15
CA TYR A 20 19.94 -13.22 44.61
C TYR A 20 21.26 -13.44 45.34
N SER A 21 21.30 -13.11 46.63
CA SER A 21 22.54 -13.23 47.42
C SER A 21 22.57 -14.47 48.31
N HIS A 22 23.53 -14.46 49.25
CA HIS A 22 23.73 -15.48 50.29
C HIS A 22 25.01 -15.19 51.06
N LEU A 25 22.93 -10.19 53.28
CA LEU A 25 22.67 -9.14 52.30
C LEU A 25 22.34 -7.79 52.93
N ASN A 26 23.24 -6.82 52.75
CA ASN A 26 22.86 -5.41 52.95
C ASN A 26 23.73 -4.54 52.04
N TYR A 27 23.31 -3.29 51.94
CA TYR A 27 23.49 -2.45 50.76
C TYR A 27 24.79 -1.66 50.64
N ALA A 28 25.00 -1.11 49.44
CA ALA A 28 26.27 -0.49 49.06
C ALA A 28 27.39 -1.48 49.26
N ASP A 29 27.25 -2.66 48.67
CA ASP A 29 28.29 -3.67 48.70
C ASP A 29 28.17 -4.64 47.54
N SER A 30 29.28 -4.87 46.84
CA SER A 30 29.30 -5.88 45.79
C SER A 30 29.16 -7.23 46.48
N ASN A 31 27.92 -7.68 46.64
CA ASN A 31 27.64 -8.90 47.40
C ASN A 31 27.51 -10.14 46.53
N PRO A 32 28.36 -11.15 46.81
CA PRO A 32 28.38 -12.48 46.17
C PRO A 32 27.01 -13.17 46.15
N GLY A 33 26.69 -13.82 45.03
CA GLY A 33 25.42 -14.49 44.88
C GLY A 33 25.27 -15.32 43.62
N LYS A 34 24.06 -15.34 43.08
CA LYS A 34 23.75 -16.11 41.88
C LYS A 34 22.88 -15.30 40.91
N ILE A 35 23.29 -15.29 39.65
CA ILE A 35 22.58 -14.58 38.60
C ILE A 35 22.21 -15.52 37.44
N LYS A 36 20.97 -15.44 36.95
CA LYS A 36 20.52 -16.23 35.80
C LYS A 36 19.88 -15.38 34.71
N PHE A 37 20.30 -15.65 33.48
CA PHE A 37 19.68 -15.07 32.29
C PHE A 37 18.71 -16.09 31.72
N THR A 38 17.42 -15.78 31.79
CA THR A 38 16.40 -16.63 31.17
C THR A 38 15.78 -15.91 29.99
N PRO A 39 15.33 -16.67 28.98
CA PRO A 39 14.56 -16.01 27.91
C PRO A 39 13.15 -15.73 28.41
N GLY A 40 12.61 -14.56 28.11
CA GLY A 40 11.30 -14.19 28.61
C GLY A 40 10.47 -13.30 27.71
N GLY A 41 9.44 -12.70 28.29
CA GLY A 41 8.50 -11.89 27.52
C GLY A 41 7.27 -12.70 27.18
N VAL A 42 6.10 -12.19 27.57
CA VAL A 42 4.83 -12.92 27.42
C VAL A 42 4.65 -13.53 26.04
N GLY A 43 4.77 -12.70 25.00
CA GLY A 43 4.69 -13.16 23.62
C GLY A 43 5.66 -14.28 23.31
N ARG A 44 6.94 -14.03 23.61
CA ARG A 44 8.00 -14.99 23.34
C ARG A 44 7.78 -16.31 24.06
N ASN A 45 7.47 -16.23 25.35
CA ASN A 45 7.17 -17.42 26.13
C ASN A 45 5.97 -18.21 25.58
N ILE A 46 4.94 -17.51 25.11
CA ILE A 46 3.76 -18.17 24.56
C ILE A 46 4.15 -18.91 23.29
N ALA A 47 4.90 -18.22 22.43
CA ALA A 47 5.43 -18.85 21.23
C ALA A 47 6.20 -20.14 21.52
N GLN A 48 7.05 -20.07 22.53
CA GLN A 48 7.86 -21.24 22.91
C GLN A 48 7.00 -22.39 23.43
N ASN A 49 6.04 -22.09 24.30
CA ASN A 49 5.15 -23.13 24.81
C ASN A 49 4.34 -23.75 23.67
N LEU A 50 4.02 -22.94 22.66
CA LEU A 50 3.29 -23.45 21.49
C LEU A 50 4.18 -24.43 20.73
N ALA A 51 5.45 -24.07 20.57
CA ALA A 51 6.38 -24.98 19.87
C ALA A 51 6.57 -26.29 20.63
N LEU A 52 6.65 -26.21 21.95
CA LEU A 52 6.73 -27.40 22.79
C LEU A 52 5.42 -28.17 22.81
N LEU A 53 4.34 -27.52 22.36
CA LEU A 53 3.05 -28.20 22.24
C LEU A 53 2.89 -28.77 20.83
N GLY A 54 3.81 -28.43 19.95
CA GLY A 54 3.88 -29.07 18.64
C GLY A 54 3.41 -28.20 17.48
N ASN A 55 2.92 -27.00 17.78
CA ASN A 55 2.47 -26.12 16.72
C ASN A 55 3.68 -25.44 16.11
N LYS A 56 3.52 -24.95 14.88
CA LYS A 56 4.62 -24.27 14.23
C LYS A 56 4.39 -22.78 14.43
N ALA A 57 5.23 -22.18 15.25
CA ALA A 57 4.92 -20.86 15.79
C ALA A 57 5.84 -19.77 15.25
N TRP A 58 5.24 -18.72 14.72
CA TRP A 58 5.98 -17.56 14.25
C TRP A 58 5.90 -16.41 15.26
N LEU A 59 7.07 -15.90 15.62
CA LEU A 59 7.14 -14.82 16.60
C LEU A 59 7.34 -13.49 15.89
N LEU A 60 6.44 -12.55 16.16
CA LEU A 60 6.58 -11.20 15.64
C LEU A 60 6.85 -10.26 16.80
N SER A 61 8.14 -10.06 17.09
CA SER A 61 8.52 -9.23 18.23
C SER A 61 9.61 -8.24 17.82
N ALA A 62 10.23 -7.62 18.80
CA ALA A 62 11.27 -6.64 18.56
C ALA A 62 12.42 -6.82 19.55
N VAL A 63 13.64 -6.99 19.03
CA VAL A 63 14.84 -6.98 19.86
C VAL A 63 15.80 -5.94 19.30
N GLY A 64 16.84 -5.61 20.07
CA GLY A 64 17.72 -4.52 19.69
C GLY A 64 18.85 -4.96 18.78
N SER A 65 19.60 -3.98 18.26
CA SER A 65 20.77 -4.25 17.43
C SER A 65 21.93 -4.84 18.21
N ASP A 66 21.81 -4.86 19.53
CA ASP A 66 22.83 -5.47 20.38
C ASP A 66 22.93 -6.98 20.12
N PHE A 67 23.94 -7.59 20.72
CA PHE A 67 24.23 -9.00 20.48
C PHE A 67 23.33 -9.89 21.33
N TYR A 68 22.93 -9.37 22.48
CA TYR A 68 22.12 -10.12 23.42
C TYR A 68 20.70 -10.29 22.88
N GLY A 69 20.31 -9.39 22.00
CA GLY A 69 19.06 -9.55 21.28
C GLY A 69 19.15 -10.79 20.43
N GLN A 70 20.26 -10.92 19.71
CA GLN A 70 20.39 -12.03 18.78
C GLN A 70 20.54 -13.32 19.58
N SER A 71 21.04 -13.24 20.80
CA SER A 71 21.13 -14.46 21.59
C SER A 71 19.75 -14.85 22.10
N LEU A 72 18.91 -13.86 22.37
CA LEU A 72 17.52 -14.13 22.72
C LEU A 72 16.82 -14.83 21.56
N LEU A 73 16.90 -14.22 20.38
CA LEU A 73 16.36 -14.81 19.15
C LEU A 73 16.87 -16.23 18.88
N THR A 74 18.18 -16.44 18.96
CA THR A 74 18.78 -17.74 18.67
C THR A 74 18.33 -18.82 19.66
N GLN A 75 18.35 -18.46 20.94
CA GLN A 75 17.92 -19.39 21.98
C GLN A 75 16.46 -19.77 21.72
N THR A 76 15.67 -18.77 21.33
CA THR A 76 14.24 -19.01 21.06
C THR A 76 14.07 -19.92 19.84
N ASN A 77 14.88 -19.68 18.80
CA ASN A 77 14.82 -20.43 17.56
C ASN A 77 15.14 -21.90 17.77
N GLN A 78 16.10 -22.19 18.65
CA GLN A 78 16.45 -23.60 18.84
C GLN A 78 15.45 -24.30 19.75
N SER A 79 14.49 -23.56 20.28
CA SER A 79 13.39 -24.16 21.01
C SER A 79 12.26 -24.61 20.07
N GLY A 80 12.37 -24.24 18.80
CA GLY A 80 11.43 -24.66 17.79
C GLY A 80 10.65 -23.52 17.19
N VAL A 81 10.97 -22.30 17.59
CA VAL A 81 10.21 -21.13 17.17
C VAL A 81 10.82 -20.46 15.94
N TYR A 82 9.97 -20.03 15.02
CA TYR A 82 10.42 -19.34 13.82
C TYR A 82 10.54 -17.84 14.10
N VAL A 83 11.77 -17.36 14.27
CA VAL A 83 11.99 -15.98 14.68
C VAL A 83 12.49 -15.10 13.54
N ASP A 84 12.38 -15.60 12.30
CA ASP A 84 13.06 -14.97 11.18
C ASP A 84 12.28 -13.77 10.61
N LYS A 85 11.20 -13.39 11.28
CA LYS A 85 10.53 -12.13 10.99
C LYS A 85 10.52 -11.19 12.19
N CYS A 86 11.15 -11.60 13.28
CA CYS A 86 11.30 -10.71 14.44
C CYS A 86 12.10 -9.49 14.03
N LEU A 87 11.69 -8.33 14.53
CA LEU A 87 12.33 -7.09 14.14
C LEU A 87 13.58 -6.81 14.97
N ILE A 88 14.69 -6.52 14.30
CA ILE A 88 15.92 -6.07 14.94
C ILE A 88 16.05 -4.56 14.85
N VAL A 89 16.02 -3.89 16.01
CA VAL A 89 16.04 -2.43 16.03
C VAL A 89 17.46 -1.91 16.23
N PRO A 90 17.91 -1.07 15.28
CA PRO A 90 19.23 -0.43 15.33
C PRO A 90 19.32 0.59 16.46
N GLY A 91 20.48 0.74 17.07
CA GLY A 91 20.70 1.82 18.02
C GLY A 91 20.13 1.59 19.40
N GLU A 92 19.03 0.87 19.50
CA GLU A 92 18.35 0.72 20.79
C GLU A 92 18.55 -0.66 21.39
N ASN A 93 18.24 -0.79 22.68
CA ASN A 93 18.62 -1.98 23.43
C ASN A 93 17.47 -2.96 23.61
N THR A 94 17.85 -4.24 23.66
CA THR A 94 16.88 -5.32 23.86
C THR A 94 16.24 -5.15 25.22
N SER A 95 14.92 -5.26 25.26
CA SER A 95 14.15 -5.04 26.48
C SER A 95 14.45 -6.15 27.49
N SER A 96 14.15 -5.89 28.76
CA SER A 96 14.53 -6.83 29.82
C SER A 96 13.72 -6.69 31.10
N TYR A 97 13.72 -7.76 31.89
CA TYR A 97 13.04 -7.78 33.17
C TYR A 97 14.04 -8.16 34.26
N LEU A 98 14.59 -7.15 34.91
CA LEU A 98 15.55 -7.33 35.99
C LEU A 98 14.80 -7.64 37.27
N SER A 99 15.32 -8.56 38.06
CA SER A 99 14.60 -9.02 39.23
C SER A 99 15.58 -9.37 40.36
N LEU A 100 15.52 -8.55 41.40
CA LEU A 100 16.29 -8.75 42.63
C LEU A 100 15.48 -9.57 43.62
N LEU A 101 16.04 -10.72 44.01
CA LEU A 101 15.39 -11.63 44.95
C LEU A 101 16.20 -11.78 46.22
N ASP A 102 15.76 -12.72 47.04
CA ASP A 102 16.52 -13.25 48.17
C ASP A 102 16.00 -14.67 48.31
N ASN A 103 16.67 -15.48 49.13
CA ASN A 103 16.21 -16.83 49.38
C ASN A 103 14.78 -16.85 49.93
N GLU A 106 11.93 -15.38 46.25
CA GLU A 106 11.27 -14.35 47.05
C GLU A 106 11.72 -12.96 46.63
N MET A 107 10.87 -12.27 45.87
CA MET A 107 11.23 -10.98 45.29
C MET A 107 11.54 -9.91 46.34
N LEU A 108 12.59 -9.14 46.08
CA LEU A 108 12.79 -7.89 46.82
C LEU A 108 12.35 -6.72 45.95
N VAL A 109 12.77 -6.72 44.69
CA VAL A 109 12.38 -5.62 43.80
C VAL A 109 12.56 -6.04 42.34
N ALA A 110 11.99 -5.28 41.42
CA ALA A 110 12.09 -5.61 40.01
C ALA A 110 12.02 -4.36 39.13
N ILE A 111 12.71 -4.42 38.00
CA ILE A 111 12.73 -3.34 37.03
C ILE A 111 12.29 -3.92 35.70
N ASN A 112 11.47 -3.20 34.95
CA ASN A 112 11.20 -3.63 33.60
C ASN A 112 11.55 -2.50 32.64
N ASP A 113 12.32 -2.83 31.62
CA ASP A 113 12.68 -1.89 30.57
C ASP A 113 12.12 -2.46 29.28
N MET A 114 10.96 -1.97 28.86
CA MET A 114 10.23 -2.59 27.75
C MET A 114 9.75 -1.59 26.72
N ASN A 115 10.60 -0.65 26.34
CA ASN A 115 10.16 0.44 25.48
C ASN A 115 10.36 0.04 24.03
N ILE A 116 11.15 -1.01 23.81
CA ILE A 116 11.34 -1.52 22.46
C ILE A 116 10.07 -2.18 21.93
N SER A 117 9.12 -2.45 22.82
CA SER A 117 7.82 -2.96 22.41
C SER A 117 7.07 -1.98 21.54
N ASN A 118 7.36 -0.69 21.71
CA ASN A 118 6.73 0.35 20.90
C ASN A 118 7.27 0.36 19.47
N ALA A 119 8.29 -0.46 19.21
CA ALA A 119 8.81 -0.61 17.86
C ALA A 119 7.98 -1.62 17.06
N ILE A 120 7.26 -2.48 17.76
CA ILE A 120 6.32 -3.39 17.11
C ILE A 120 5.16 -2.57 16.58
N THR A 121 5.37 -1.90 15.46
CA THR A 121 4.42 -0.88 14.96
C THR A 121 3.38 -1.44 13.99
N ALA A 122 2.48 -0.56 13.54
CA ALA A 122 1.49 -0.89 12.54
C ALA A 122 2.17 -1.09 11.20
N GLU A 123 3.20 -0.29 10.95
CA GLU A 123 4.00 -0.39 9.73
C GLU A 123 4.61 -1.78 9.62
N TYR A 124 5.23 -2.19 10.73
CA TYR A 124 5.91 -3.48 10.81
C TYR A 124 4.97 -4.66 10.55
N LEU A 125 3.84 -4.70 11.26
CA LEU A 125 2.89 -5.80 11.09
C LEU A 125 2.26 -5.75 9.69
N ALA A 126 2.08 -4.54 9.18
CA ALA A 126 1.53 -4.36 7.85
C ALA A 126 2.46 -4.95 6.79
N GLN A 127 3.75 -4.98 7.07
CA GLN A 127 4.65 -5.62 6.10
C GLN A 127 4.54 -7.14 6.14
N HIS A 128 3.75 -7.66 7.07
CA HIS A 128 3.47 -9.09 7.12
C HIS A 128 1.99 -9.38 7.17
N ARG A 129 1.17 -8.43 6.71
CA ARG A 129 -0.29 -8.61 6.64
C ARG A 129 -0.73 -9.97 6.10
N GLU A 130 -0.41 -10.28 4.86
CA GLU A 130 -0.79 -11.57 4.24
C GLU A 130 -0.39 -12.77 5.11
N PHE A 131 0.86 -12.79 5.55
CA PHE A 131 1.36 -13.89 6.35
C PHE A 131 0.55 -14.06 7.63
N ILE A 132 0.24 -12.94 8.26
CA ILE A 132 -0.55 -12.94 9.49
C ILE A 132 -1.97 -13.45 9.22
N GLN A 133 -2.54 -13.01 8.09
CA GLN A 133 -3.91 -13.32 7.73
C GLN A 133 -4.05 -14.74 7.20
N ARG A 134 -2.93 -15.46 7.09
CA ARG A 134 -3.00 -16.85 6.63
C ARG A 134 -2.59 -17.83 7.74
N ALA A 135 -2.70 -17.38 8.99
CA ALA A 135 -2.44 -18.24 10.13
C ALA A 135 -3.73 -18.90 10.63
N LYS A 136 -3.59 -20.02 11.32
CA LYS A 136 -4.73 -20.69 11.95
C LYS A 136 -5.24 -19.90 13.16
N VAL A 137 -4.31 -19.21 13.81
CA VAL A 137 -4.59 -18.42 15.01
C VAL A 137 -3.54 -17.34 15.24
N ILE A 138 -4.00 -16.18 15.69
CA ILE A 138 -3.11 -15.10 16.08
C ILE A 138 -3.16 -14.90 17.59
N VAL A 139 -2.01 -14.87 18.25
CA VAL A 139 -1.97 -14.58 19.68
C VAL A 139 -1.21 -13.29 19.93
N ALA A 140 -1.87 -12.35 20.61
CA ALA A 140 -1.28 -11.05 20.85
C ALA A 140 -1.26 -10.77 22.35
N ASP A 141 -0.22 -10.10 22.84
CA ASP A 141 -0.19 -9.68 24.23
C ASP A 141 -0.35 -8.15 24.30
N CYS A 142 -0.67 -7.63 25.47
CA CYS A 142 -0.95 -6.21 25.59
C CYS A 142 0.28 -5.38 25.99
N ASN A 143 1.47 -5.96 25.81
CA ASN A 143 2.71 -5.21 25.92
C ASN A 143 2.87 -4.25 24.74
N ILE A 144 2.19 -4.57 23.64
CA ILE A 144 2.32 -3.78 22.43
C ILE A 144 1.48 -2.51 22.56
N SER A 145 1.67 -1.57 21.64
CA SER A 145 0.97 -0.29 21.71
C SER A 145 -0.51 -0.47 21.42
N GLU A 146 -1.31 0.55 21.74
CA GLU A 146 -2.74 0.48 21.47
C GLU A 146 -2.96 0.48 19.96
N GLU A 147 -2.12 1.23 19.25
CA GLU A 147 -2.21 1.30 17.80
C GLU A 147 -1.93 -0.05 17.18
N ALA A 148 -0.99 -0.79 17.76
CA ALA A 148 -0.58 -2.06 17.18
C ALA A 148 -1.64 -3.12 17.42
N LEU A 149 -2.19 -3.15 18.64
CA LEU A 149 -3.25 -4.10 18.97
C LEU A 149 -4.49 -3.78 18.14
N ALA A 150 -4.75 -2.49 17.95
CA ALA A 150 -5.89 -2.08 17.12
C ALA A 150 -5.68 -2.54 15.69
N TRP A 151 -4.44 -2.46 15.22
CA TRP A 151 -4.16 -2.91 13.86
C TRP A 151 -4.35 -4.41 13.72
N ILE A 152 -3.91 -5.16 14.72
CA ILE A 152 -4.07 -6.61 14.66
C ILE A 152 -5.54 -6.98 14.63
N LEU A 153 -6.32 -6.35 15.51
CA LEU A 153 -7.73 -6.68 15.62
C LEU A 153 -8.51 -6.19 14.38
N ASP A 154 -8.03 -5.14 13.74
CA ASP A 154 -8.70 -4.58 12.56
C ASP A 154 -8.34 -5.30 11.26
N ASN A 155 -7.25 -6.06 11.26
CA ASN A 155 -6.79 -6.70 10.04
C ASN A 155 -6.54 -8.20 10.22
N ALA A 156 -7.37 -8.85 11.03
CA ALA A 156 -7.18 -10.27 11.33
C ALA A 156 -7.86 -11.14 10.29
N ALA A 157 -8.75 -10.53 9.49
CA ALA A 157 -9.42 -11.21 8.40
C ALA A 157 -10.09 -12.50 8.87
N ASN A 158 -10.85 -12.38 9.94
CA ASN A 158 -11.61 -13.50 10.52
C ASN A 158 -10.70 -14.62 11.04
N VAL A 159 -9.43 -14.31 11.24
CA VAL A 159 -8.56 -15.20 12.00
C VAL A 159 -8.71 -14.88 13.47
N PRO A 160 -9.04 -15.89 14.28
CA PRO A 160 -9.23 -15.69 15.72
C PRO A 160 -8.01 -15.04 16.40
N VAL A 161 -8.26 -13.97 17.15
CA VAL A 161 -7.20 -13.36 17.94
C VAL A 161 -7.38 -13.73 19.41
N PHE A 162 -6.41 -14.46 19.95
CA PHE A 162 -6.31 -14.76 21.37
C PHE A 162 -5.47 -13.67 22.05
N VAL A 163 -6.04 -12.98 23.03
CA VAL A 163 -5.34 -11.86 23.65
C VAL A 163 -4.99 -12.10 25.12
N ASP A 164 -3.71 -11.94 25.44
CA ASP A 164 -3.22 -11.93 26.81
C ASP A 164 -3.11 -10.51 27.35
N PRO A 165 -3.87 -10.22 28.42
CA PRO A 165 -4.02 -8.89 29.01
C PRO A 165 -2.78 -8.42 29.74
N VAL A 166 -1.91 -9.37 30.12
CA VAL A 166 -0.62 -9.12 30.77
C VAL A 166 -0.71 -8.57 32.20
N SER A 167 -1.16 -7.32 32.35
CA SER A 167 -1.22 -6.69 33.65
C SER A 167 -2.48 -5.84 33.85
N ALA A 168 -2.70 -5.42 35.09
CA ALA A 168 -3.83 -4.56 35.39
C ALA A 168 -3.67 -3.23 34.68
N TRP A 169 -2.42 -2.83 34.49
CA TRP A 169 -2.10 -1.55 33.86
C TRP A 169 -2.22 -1.62 32.34
N LYS A 170 -1.85 -2.77 31.78
CA LYS A 170 -1.76 -2.91 30.33
C LYS A 170 -3.00 -3.50 29.69
N CYS A 171 -3.89 -4.05 30.51
CA CYS A 171 -5.09 -4.71 29.98
C CYS A 171 -6.09 -3.72 29.41
N VAL A 172 -6.06 -2.48 29.90
CA VAL A 172 -7.15 -1.54 29.61
C VAL A 172 -7.34 -1.27 28.12
N LYS A 173 -6.27 -1.43 27.33
CA LYS A 173 -6.34 -1.14 25.89
C LYS A 173 -7.25 -2.13 25.16
N VAL A 174 -7.75 -3.10 25.91
CA VAL A 174 -8.60 -4.14 25.36
C VAL A 174 -10.09 -3.78 25.53
N ARG A 175 -10.39 -2.85 26.44
CA ARG A 175 -11.77 -2.56 26.84
C ARG A 175 -12.70 -2.19 25.68
N ASP A 176 -12.23 -1.33 24.79
CA ASP A 176 -13.08 -0.87 23.68
C ASP A 176 -13.08 -1.81 22.48
N ARG A 177 -12.47 -2.99 22.61
CA ARG A 177 -12.32 -3.91 21.49
C ARG A 177 -12.59 -5.37 21.80
N LEU A 178 -13.37 -5.61 22.85
CA LEU A 178 -13.73 -6.96 23.24
C LEU A 178 -14.52 -7.65 22.12
N ASN A 179 -15.13 -6.85 21.22
CA ASN A 179 -15.91 -7.43 20.13
C ASN A 179 -15.03 -7.92 18.98
N GLN A 180 -13.74 -7.62 19.03
CA GLN A 180 -12.81 -8.08 18.01
C GLN A 180 -11.92 -9.19 18.52
N ILE A 181 -12.19 -9.66 19.74
CA ILE A 181 -11.31 -10.64 20.38
C ILE A 181 -12.02 -11.97 20.57
N HIS A 182 -11.39 -13.05 20.11
CA HIS A 182 -11.96 -14.38 20.20
C HIS A 182 -11.94 -14.90 21.63
N THR A 183 -10.77 -14.81 22.24
CA THR A 183 -10.57 -15.32 23.59
C THR A 183 -9.70 -14.39 24.43
N LEU A 184 -10.22 -13.97 25.58
CA LEU A 184 -9.44 -13.15 26.51
C LEU A 184 -9.20 -13.93 27.79
N LYS A 185 -7.98 -13.87 28.28
CA LYS A 185 -7.61 -14.57 29.51
C LYS A 185 -7.12 -13.64 30.60
N PRO A 186 -8.05 -12.95 31.29
CA PRO A 186 -7.61 -12.06 32.36
C PRO A 186 -7.57 -12.77 33.70
N ASN A 187 -6.80 -12.22 34.65
CA ASN A 187 -6.89 -12.69 36.03
C ASN A 187 -7.96 -11.88 36.75
N ARG A 188 -8.12 -12.12 38.04
CA ARG A 188 -9.10 -11.36 38.84
C ARG A 188 -8.96 -9.87 38.71
N LEU A 189 -7.76 -9.38 38.99
CA LEU A 189 -7.50 -7.95 39.01
C LEU A 189 -7.75 -7.34 37.63
N GLU A 190 -7.35 -8.06 36.58
CA GLU A 190 -7.52 -7.60 35.21
C GLU A 190 -9.01 -7.52 34.83
N ALA A 191 -9.77 -8.53 35.23
CA ALA A 191 -11.20 -8.54 34.95
C ALA A 191 -11.92 -7.41 35.70
N GLU A 192 -11.52 -7.19 36.95
CA GLU A 192 -12.08 -6.09 37.74
C GLU A 192 -11.76 -4.76 37.08
N THR A 193 -10.52 -4.62 36.61
CA THR A 193 -10.06 -3.37 36.02
C THR A 193 -10.78 -3.08 34.71
N LEU A 194 -11.07 -4.13 33.95
CA LEU A 194 -11.76 -3.98 32.68
C LEU A 194 -13.26 -3.69 32.87
N SER A 195 -13.92 -4.49 33.69
CA SER A 195 -15.38 -4.39 33.84
C SER A 195 -15.81 -3.19 34.69
N GLY A 196 -15.01 -2.84 35.69
CA GLY A 196 -15.40 -1.83 36.65
C GLY A 196 -16.31 -2.45 37.70
N ILE A 197 -16.27 -3.78 37.78
CA ILE A 197 -17.06 -4.51 38.75
C ILE A 197 -16.13 -5.27 39.68
N ALA A 198 -16.38 -5.20 40.98
CA ALA A 198 -15.49 -5.85 41.94
C ALA A 198 -15.71 -7.36 41.94
N LEU A 199 -14.61 -8.09 41.96
CA LEU A 199 -14.66 -9.54 42.07
C LEU A 199 -14.35 -9.93 43.51
N SER A 200 -15.24 -9.52 44.40
CA SER A 200 -15.10 -9.79 45.82
C SER A 200 -15.11 -11.30 46.07
N GLY A 201 -15.99 -12.00 45.38
CA GLY A 201 -16.12 -13.43 45.59
C GLY A 201 -16.60 -14.22 44.38
N ARG A 202 -16.80 -15.51 44.59
CA ARG A 202 -17.24 -16.41 43.53
C ARG A 202 -18.70 -16.12 43.16
N ASP A 203 -19.36 -15.28 43.95
CA ASP A 203 -20.68 -14.78 43.61
C ASP A 203 -20.67 -13.87 42.39
N ASP A 204 -19.56 -13.20 42.14
CA ASP A 204 -19.57 -12.08 41.20
C ASP A 204 -18.99 -12.39 39.81
N VAL A 205 -18.61 -13.64 39.56
CA VAL A 205 -18.05 -13.99 38.26
C VAL A 205 -19.11 -13.86 37.18
N ALA A 206 -20.36 -14.17 37.53
CA ALA A 206 -21.45 -14.10 36.58
C ALA A 206 -21.70 -12.69 36.05
N LYS A 207 -21.77 -11.71 36.94
CA LYS A 207 -22.01 -10.34 36.50
C LYS A 207 -20.82 -9.83 35.71
N VAL A 208 -19.61 -10.26 36.09
CA VAL A 208 -18.42 -9.81 35.36
C VAL A 208 -18.44 -10.37 33.94
N ALA A 209 -18.68 -11.66 33.83
CA ALA A 209 -18.75 -12.33 32.54
C ALA A 209 -19.86 -11.77 31.68
N ALA A 210 -21.00 -11.50 32.31
CA ALA A 210 -22.13 -10.92 31.60
C ALA A 210 -21.73 -9.55 31.08
N TRP A 211 -20.95 -8.82 31.85
CA TRP A 211 -20.49 -7.51 31.41
C TRP A 211 -19.59 -7.65 30.20
N PHE A 212 -18.71 -8.64 30.23
CA PHE A 212 -17.79 -8.89 29.12
C PHE A 212 -18.54 -9.27 27.84
N HIS A 213 -19.54 -10.13 27.99
CA HIS A 213 -20.34 -10.60 26.86
C HIS A 213 -21.22 -9.50 26.28
N GLN A 214 -21.74 -8.61 27.13
CA GLN A 214 -22.55 -7.51 26.60
C GLN A 214 -21.65 -6.48 25.91
N HIS A 215 -20.34 -6.56 26.17
CA HIS A 215 -19.45 -5.67 25.46
C HIS A 215 -18.82 -6.37 24.26
N GLY A 216 -19.29 -7.59 23.99
CA GLY A 216 -19.00 -8.25 22.73
C GLY A 216 -17.89 -9.29 22.76
N LEU A 217 -17.44 -9.66 23.96
CA LEU A 217 -16.42 -10.68 24.08
C LEU A 217 -16.98 -12.06 23.82
N ASN A 218 -16.39 -12.72 22.83
CA ASN A 218 -16.76 -14.08 22.44
C ASN A 218 -16.50 -15.10 23.55
N ARG A 219 -15.25 -15.17 24.00
CA ARG A 219 -14.90 -16.11 25.06
C ARG A 219 -14.06 -15.49 26.17
N LEU A 220 -14.42 -15.84 27.39
CA LEU A 220 -13.73 -15.39 28.60
C LEU A 220 -13.11 -16.58 29.30
N VAL A 221 -11.80 -16.52 29.51
CA VAL A 221 -11.11 -17.48 30.36
C VAL A 221 -10.55 -16.75 31.58
N LEU A 222 -11.26 -16.86 32.70
CA LEU A 222 -11.00 -16.07 33.89
C LEU A 222 -10.27 -16.86 34.97
N SER A 223 -9.00 -16.54 35.20
CA SER A 223 -8.25 -17.19 36.28
C SER A 223 -8.43 -16.45 37.61
N MET A 224 -8.95 -17.16 38.61
CA MET A 224 -9.30 -16.55 39.87
C MET A 224 -8.32 -16.92 40.97
N GLY A 225 -7.29 -17.67 40.60
CA GLY A 225 -6.31 -18.13 41.56
C GLY A 225 -6.70 -19.47 42.14
N GLY A 226 -6.93 -19.48 43.45
CA GLY A 226 -7.27 -20.71 44.16
C GLY A 226 -8.72 -21.11 43.95
N ASP A 227 -9.56 -20.13 43.62
CA ASP A 227 -10.96 -20.38 43.34
C ASP A 227 -11.09 -21.27 42.11
N GLY A 228 -10.17 -21.10 41.17
CA GLY A 228 -10.12 -21.91 39.97
C GLY A 228 -10.19 -21.06 38.71
N VAL A 229 -10.56 -21.68 37.59
CA VAL A 229 -10.78 -20.96 36.35
C VAL A 229 -12.25 -20.96 35.93
N TYR A 230 -12.84 -19.77 35.83
CA TYR A 230 -14.21 -19.64 35.32
C TYR A 230 -14.19 -19.28 33.84
N TYR A 231 -14.78 -20.14 33.02
CA TYR A 231 -14.82 -19.92 31.57
C TYR A 231 -16.24 -19.65 31.10
N SER A 232 -16.39 -18.70 30.16
CA SER A 232 -17.72 -18.31 29.68
C SER A 232 -17.73 -18.06 28.18
N ASP A 233 -18.70 -18.68 27.51
CA ASP A 233 -18.91 -18.46 26.08
C ASP A 233 -20.14 -17.55 25.87
N ILE A 234 -20.00 -16.57 24.98
CA ILE A 234 -21.09 -15.64 24.71
C ILE A 234 -22.34 -16.34 24.18
N ARG A 235 -22.21 -17.59 23.75
CA ARG A 235 -23.35 -18.37 23.28
C ARG A 235 -24.04 -19.15 24.41
N GLY A 236 -23.57 -18.94 25.65
CA GLY A 236 -24.28 -19.43 26.81
C GLY A 236 -23.61 -20.46 27.69
N GLU A 237 -22.61 -21.16 27.15
CA GLU A 237 -21.87 -22.14 27.94
C GLU A 237 -20.91 -21.48 28.94
N ASN A 238 -21.01 -21.89 30.20
CA ASN A 238 -20.09 -21.41 31.23
C ASN A 238 -19.81 -22.49 32.26
N GLY A 239 -18.72 -22.33 33.00
CA GLY A 239 -18.41 -23.27 34.06
C GLY A 239 -17.17 -22.94 34.87
N TRP A 240 -16.96 -23.71 35.92
CA TRP A 240 -15.76 -23.62 36.74
C TRP A 240 -14.89 -24.85 36.47
N SER A 241 -13.58 -24.67 36.57
CA SER A 241 -12.66 -25.79 36.63
C SER A 241 -11.73 -25.57 37.81
N ALA A 242 -11.72 -26.53 38.74
CA ALA A 242 -10.91 -26.43 39.95
C ALA A 242 -9.45 -26.65 39.57
N PRO A 243 -8.53 -26.01 40.31
CA PRO A 243 -7.11 -26.07 39.96
C PRO A 243 -6.54 -27.49 39.99
N ILE A 244 -5.59 -27.77 39.09
CA ILE A 244 -4.78 -28.96 39.21
C ILE A 244 -3.80 -28.63 40.33
N LYS A 245 -4.09 -29.12 41.53
CA LYS A 245 -3.27 -28.76 42.68
C LYS A 245 -1.86 -29.32 42.55
N THR A 246 -0.86 -28.47 42.82
CA THR A 246 0.51 -28.80 42.48
C THR A 246 1.56 -28.35 43.50
N ASN A 247 2.76 -28.91 43.33
CA ASN A 247 3.94 -28.45 44.04
C ASN A 247 4.60 -27.30 43.28
N VAL A 248 4.19 -26.07 43.60
CA VAL A 248 4.67 -24.89 42.88
C VAL A 248 6.06 -24.48 43.36
N ILE A 249 7.03 -24.48 42.44
CA ILE A 249 8.35 -23.96 42.76
C ILE A 249 8.45 -22.49 42.32
N ASN A 250 8.31 -22.19 41.03
CA ASN A 250 8.13 -20.79 40.63
C ASN A 250 6.84 -20.63 39.82
N VAL A 251 6.21 -19.46 39.94
CA VAL A 251 4.90 -19.23 39.32
C VAL A 251 5.01 -18.63 37.92
N THR A 252 6.19 -18.14 37.56
CA THR A 252 6.40 -17.49 36.27
C THR A 252 6.07 -18.43 35.11
N GLY A 253 5.51 -17.88 34.03
CA GLY A 253 5.23 -18.67 32.85
C GLY A 253 3.96 -19.48 32.95
N ALA A 254 3.22 -19.29 34.04
CA ALA A 254 1.96 -20.00 34.24
C ALA A 254 0.93 -19.58 33.20
N GLY A 255 0.61 -18.30 33.19
CA GLY A 255 -0.34 -17.74 32.25
C GLY A 255 0.11 -17.84 30.81
N ASP A 256 1.42 -17.79 30.60
CA ASP A 256 2.02 -17.92 29.27
C ASP A 256 1.72 -19.32 28.72
N ALA A 257 1.85 -20.29 29.61
CA ALA A 257 1.60 -21.67 29.29
C ALA A 257 0.12 -21.91 29.05
N MET A 258 -0.72 -21.26 29.85
CA MET A 258 -2.15 -21.40 29.69
C MET A 258 -2.63 -20.83 28.36
N MET A 259 -2.12 -19.66 28.00
CA MET A 259 -2.49 -19.06 26.72
C MET A 259 -2.08 -19.98 25.59
N ALA A 260 -0.86 -20.51 25.70
CA ALA A 260 -0.37 -21.44 24.68
C ALA A 260 -1.31 -22.64 24.56
N GLY A 261 -1.73 -23.18 25.69
CA GLY A 261 -2.65 -24.30 25.71
C GLY A 261 -3.99 -24.01 25.05
N LEU A 262 -4.53 -22.82 25.32
CA LEU A 262 -5.81 -22.42 24.75
C LEU A 262 -5.72 -22.33 23.24
N ALA A 263 -4.72 -21.59 22.75
CA ALA A 263 -4.59 -21.41 21.31
C ALA A 263 -4.33 -22.75 20.60
N SER A 264 -3.47 -23.57 21.21
CA SER A 264 -3.11 -24.86 20.62
C SER A 264 -4.32 -25.78 20.54
N CYS A 265 -5.04 -25.89 21.65
CA CYS A 265 -6.23 -26.73 21.70
C CYS A 265 -7.30 -26.25 20.74
N TRP A 266 -7.40 -24.94 20.57
CA TRP A 266 -8.35 -24.38 19.61
C TRP A 266 -7.98 -24.83 18.21
N VAL A 267 -6.70 -24.73 17.87
CA VAL A 267 -6.23 -25.13 16.56
C VAL A 267 -6.41 -26.63 16.33
N ASP A 268 -6.41 -27.41 17.41
CA ASP A 268 -6.53 -28.86 17.31
C ASP A 268 -7.99 -29.31 17.28
N GLY A 269 -8.92 -28.36 17.24
CA GLY A 269 -10.34 -28.69 17.17
C GLY A 269 -10.99 -29.11 18.48
N MET A 270 -10.33 -28.86 19.61
CA MET A 270 -10.89 -29.22 20.91
C MET A 270 -12.01 -28.28 21.37
N PRO A 271 -12.99 -28.83 22.09
CA PRO A 271 -14.07 -28.04 22.72
C PRO A 271 -13.53 -27.06 23.78
N PHE A 272 -14.35 -26.07 24.13
CA PHE A 272 -13.96 -24.99 25.03
C PHE A 272 -13.49 -25.50 26.40
N ALA A 273 -14.38 -26.19 27.11
CA ALA A 273 -14.12 -26.65 28.48
C ALA A 273 -12.87 -27.52 28.60
N GLU A 274 -12.74 -28.47 27.67
CA GLU A 274 -11.65 -29.44 27.71
C GLU A 274 -10.34 -28.75 27.35
N SER A 275 -10.44 -27.68 26.57
CA SER A 275 -9.29 -26.88 26.22
C SER A 275 -8.83 -26.07 27.44
N VAL A 276 -9.80 -25.67 28.26
CA VAL A 276 -9.48 -24.93 29.48
C VAL A 276 -8.78 -25.84 30.48
N ARG A 277 -9.32 -27.04 30.65
CA ARG A 277 -8.70 -28.01 31.54
C ARG A 277 -7.27 -28.33 31.09
N PHE A 278 -7.11 -28.60 29.79
CA PHE A 278 -5.78 -28.84 29.22
C PHE A 278 -4.84 -27.67 29.48
N ALA A 279 -5.35 -26.46 29.29
CA ALA A 279 -4.56 -25.24 29.50
C ALA A 279 -4.08 -25.14 30.94
N GLN A 280 -4.95 -25.50 31.88
CA GLN A 280 -4.60 -25.51 33.30
C GLN A 280 -3.48 -26.53 33.53
N GLY A 281 -3.55 -27.66 32.84
CA GLY A 281 -2.49 -28.65 32.93
C GLY A 281 -1.15 -28.08 32.50
N CYS A 282 -1.18 -27.38 31.36
CA CYS A 282 0.01 -26.68 30.88
C CYS A 282 0.57 -25.71 31.93
N SER A 283 -0.30 -24.86 32.48
CA SER A 283 0.16 -23.84 33.40
C SER A 283 0.75 -24.50 34.64
N SER A 284 0.20 -25.66 34.98
CA SER A 284 0.67 -26.45 36.09
C SER A 284 2.09 -26.95 35.84
N MET A 285 2.31 -27.51 34.64
CA MET A 285 3.67 -27.89 34.24
C MET A 285 4.61 -26.71 34.39
N ALA A 286 4.12 -25.52 34.04
CA ALA A 286 4.95 -24.32 34.18
C ALA A 286 5.24 -24.01 35.66
N LEU A 287 4.24 -24.23 36.52
CA LEU A 287 4.37 -23.91 37.94
C LEU A 287 5.42 -24.79 38.60
N SER A 288 5.67 -25.94 38.00
CA SER A 288 6.56 -26.94 38.58
C SER A 288 7.94 -26.96 37.92
N CYS A 289 8.31 -25.84 37.30
CA CYS A 289 9.63 -25.72 36.66
C CYS A 289 10.33 -24.45 37.10
N GLU A 290 11.59 -24.57 37.51
CA GLU A 290 12.37 -23.42 37.98
C GLU A 290 12.56 -22.36 36.88
N TYR A 291 12.41 -22.79 35.63
CA TYR A 291 12.64 -21.92 34.49
C TYR A 291 11.31 -21.33 34.04
N THR A 292 11.35 -20.28 33.22
CA THR A 292 10.12 -19.60 32.78
C THR A 292 9.27 -20.46 31.85
N ASN A 293 9.91 -21.24 30.98
CA ASN A 293 9.20 -22.23 30.17
C ASN A 293 9.77 -23.61 30.44
N ASN A 294 8.90 -24.62 30.52
CA ASN A 294 9.33 -26.00 30.73
C ASN A 294 9.53 -26.75 29.42
N PRO A 295 10.78 -27.19 29.16
CA PRO A 295 11.15 -27.95 27.96
C PRO A 295 10.65 -29.40 27.96
N ASP A 296 9.96 -29.80 29.03
CA ASP A 296 9.27 -31.06 29.04
C ASP A 296 7.76 -30.84 29.03
N LEU A 297 7.35 -29.66 28.58
CA LEU A 297 5.94 -29.40 28.30
C LEU A 297 5.62 -30.07 26.97
N SER A 298 4.63 -30.97 27.02
CA SER A 298 4.27 -31.76 25.86
C SER A 298 2.80 -32.12 25.95
N ILE A 299 2.18 -32.34 24.80
CA ILE A 299 0.81 -32.84 24.75
C ILE A 299 0.71 -34.10 25.62
N ALA A 300 1.73 -34.96 25.51
CA ALA A 300 1.78 -36.22 26.23
C ALA A 300 1.68 -36.09 27.75
N ASN A 301 2.58 -35.33 28.36
CA ASN A 301 2.65 -35.35 29.82
C ASN A 301 1.77 -34.23 30.40
N VAL A 302 1.24 -33.38 29.53
CA VAL A 302 0.15 -32.50 29.96
C VAL A 302 -1.08 -33.38 30.10
N ILE A 303 -1.34 -34.23 29.10
CA ILE A 303 -2.47 -35.16 29.17
C ILE A 303 -2.29 -36.17 30.31
N SER A 304 -1.03 -36.48 30.65
CA SER A 304 -0.79 -37.35 31.80
C SER A 304 -1.06 -36.59 33.09
N LEU A 305 -0.80 -35.27 33.08
CA LEU A 305 -1.15 -34.42 34.22
C LEU A 305 -2.66 -34.21 34.33
N VAL A 306 -3.38 -34.39 33.23
CA VAL A 306 -4.84 -34.15 33.19
C VAL A 306 -5.67 -35.39 33.48
N GLU A 307 -5.25 -36.55 32.98
CA GLU A 307 -5.98 -37.78 33.21
C GLU A 307 -5.75 -38.25 34.64
N ASN A 308 -4.70 -37.69 35.24
CA ASN A 308 -4.35 -37.97 36.62
C ASN A 308 -5.22 -37.15 37.57
N ALA A 309 -6.21 -36.46 37.01
CA ALA A 309 -7.22 -35.79 37.81
C ALA A 309 -8.03 -36.80 38.61
N LYS B 4 54.27 -10.32 14.19
CA LYS B 4 53.53 -11.36 14.90
C LYS B 4 53.75 -11.27 16.40
N ASP B 5 53.77 -10.06 16.92
CA ASP B 5 53.77 -9.86 18.37
C ASP B 5 52.33 -9.79 18.85
N TYR B 6 52.02 -10.60 19.87
CA TYR B 6 50.68 -10.59 20.45
C TYR B 6 50.77 -10.52 21.97
N VAL B 7 49.66 -10.10 22.58
CA VAL B 7 49.57 -9.96 24.02
C VAL B 7 48.54 -10.95 24.54
N VAL B 8 48.80 -11.57 25.69
CA VAL B 8 47.86 -12.54 26.25
C VAL B 8 47.26 -12.03 27.56
N ILE B 9 45.93 -12.03 27.63
CA ILE B 9 45.23 -11.60 28.83
C ILE B 9 44.48 -12.79 29.43
N ILE B 10 44.80 -13.09 30.69
CA ILE B 10 44.15 -14.19 31.39
C ILE B 10 43.34 -13.65 32.55
N GLY B 11 42.02 -13.61 32.39
CA GLY B 11 41.14 -12.99 33.36
C GLY B 11 39.70 -13.41 33.21
N SER B 12 38.79 -12.67 33.82
CA SER B 12 37.39 -13.09 33.84
C SER B 12 36.58 -12.35 32.78
N ALA B 13 35.62 -13.04 32.20
CA ALA B 13 34.71 -12.44 31.22
C ALA B 13 33.30 -12.42 31.79
N ASN B 14 32.76 -11.22 31.98
CA ASN B 14 31.44 -11.08 32.58
C ASN B 14 30.47 -10.28 31.73
N ILE B 15 29.19 -10.39 32.06
CA ILE B 15 28.17 -9.47 31.58
C ILE B 15 27.73 -8.57 32.74
N ASP B 16 27.96 -7.27 32.60
CA ASP B 16 27.50 -6.31 33.59
C ASP B 16 26.06 -5.94 33.26
N VAL B 17 25.17 -6.07 34.23
CA VAL B 17 23.79 -5.64 34.03
C VAL B 17 23.48 -4.50 34.98
N ALA B 18 23.10 -3.35 34.44
CA ALA B 18 22.79 -2.19 35.29
C ALA B 18 21.34 -1.78 35.12
N GLY B 19 20.62 -1.66 36.21
CA GLY B 19 19.23 -1.24 36.14
C GLY B 19 18.91 -0.10 37.08
N TYR B 20 18.17 0.89 36.60
CA TYR B 20 17.64 1.93 37.49
C TYR B 20 16.21 2.32 37.15
N SER B 21 15.55 3.01 38.07
CA SER B 21 14.13 3.37 37.96
C SER B 21 13.86 4.78 37.45
N HIS B 22 12.65 5.26 37.72
CA HIS B 22 12.19 6.59 37.32
C HIS B 22 11.37 7.22 38.45
N LEU B 25 11.41 4.72 42.86
CA LEU B 25 11.59 3.29 43.10
C LEU B 25 11.18 2.90 44.51
N ASN B 26 10.18 2.03 44.63
CA ASN B 26 10.03 1.32 45.88
C ASN B 26 9.40 -0.07 45.70
N TYR B 27 9.47 -0.83 46.78
CA TYR B 27 9.63 -2.28 46.70
C TYR B 27 8.38 -3.14 46.52
N ALA B 28 8.62 -4.40 46.17
CA ALA B 28 7.58 -5.33 45.72
C ALA B 28 6.84 -4.67 44.58
N ASP B 29 7.60 -4.21 43.60
CA ASP B 29 7.03 -3.61 42.40
C ASP B 29 7.95 -3.65 41.19
N SER B 30 7.37 -4.09 40.08
CA SER B 30 8.05 -4.03 38.79
C SER B 30 8.13 -2.54 38.41
N ASN B 31 9.26 -1.90 38.69
CA ASN B 31 9.33 -0.46 38.43
C ASN B 31 9.84 -0.22 37.02
N PRO B 32 9.01 0.44 36.19
CA PRO B 32 9.42 0.84 34.85
C PRO B 32 10.72 1.64 34.93
N GLY B 33 11.68 1.36 34.05
CA GLY B 33 12.95 2.04 34.12
C GLY B 33 13.86 1.74 32.94
N LYS B 34 15.15 1.66 33.23
CA LYS B 34 16.14 1.43 32.19
C LYS B 34 17.20 0.40 32.60
N ILE B 35 17.42 -0.57 31.71
CA ILE B 35 18.39 -1.63 31.92
C ILE B 35 19.41 -1.68 30.78
N LYS B 36 20.69 -1.81 31.12
CA LYS B 36 21.75 -1.96 30.11
C LYS B 36 22.63 -3.17 30.37
N PHE B 37 22.85 -3.94 29.31
CA PHE B 37 23.79 -5.04 29.33
C PHE B 37 25.09 -4.53 28.71
N THR B 38 26.14 -4.41 29.51
CA THR B 38 27.44 -4.04 28.98
C THR B 38 28.38 -5.22 29.12
N PRO B 39 29.36 -5.36 28.22
CA PRO B 39 30.36 -6.40 28.44
C PRO B 39 31.36 -5.97 29.52
N GLY B 40 31.74 -6.89 30.40
CA GLY B 40 32.61 -6.54 31.50
C GLY B 40 33.57 -7.64 31.95
N GLY B 41 34.14 -7.48 33.14
CA GLY B 41 35.13 -8.40 33.63
C GLY B 41 36.54 -7.87 33.41
N VAL B 42 37.31 -7.77 34.48
CA VAL B 42 38.64 -7.14 34.45
C VAL B 42 39.49 -7.62 33.29
N GLY B 43 39.67 -8.93 33.18
CA GLY B 43 40.42 -9.50 32.06
C GLY B 43 39.91 -9.10 30.69
N ARG B 44 38.61 -9.31 30.47
CA ARG B 44 37.98 -9.02 29.19
C ARG B 44 38.13 -7.54 28.81
N ASN B 45 37.82 -6.67 29.76
CA ASN B 45 37.96 -5.24 29.54
C ASN B 45 39.41 -4.83 29.23
N ILE B 46 40.37 -5.44 29.90
CA ILE B 46 41.78 -5.13 29.67
C ILE B 46 42.15 -5.54 28.25
N ALA B 47 41.74 -6.73 27.86
CA ALA B 47 41.95 -7.21 26.50
C ALA B 47 41.37 -6.24 25.45
N GLN B 48 40.16 -5.77 25.70
CA GLN B 48 39.50 -4.85 24.77
C GLN B 48 40.23 -3.51 24.67
N ASN B 49 40.63 -2.95 25.81
CA ASN B 49 41.38 -1.70 25.80
C ASN B 49 42.72 -1.87 25.09
N LEU B 50 43.29 -3.06 25.20
CA LEU B 50 44.56 -3.35 24.52
C LEU B 50 44.32 -3.35 23.02
N ALA B 51 43.22 -3.95 22.58
CA ALA B 51 42.89 -3.96 21.16
C ALA B 51 42.64 -2.55 20.62
N LEU B 52 41.96 -1.72 21.41
CA LEU B 52 41.73 -0.33 21.05
C LEU B 52 43.03 0.49 21.13
N LEU B 53 44.04 -0.05 21.80
CA LEU B 53 45.34 0.60 21.86
C LEU B 53 46.25 0.08 20.76
N GLY B 54 45.77 -0.94 20.05
CA GLY B 54 46.44 -1.39 18.83
C GLY B 54 47.18 -2.70 18.93
N ASN B 55 47.25 -3.27 20.12
CA ASN B 55 47.96 -4.55 20.27
C ASN B 55 47.03 -5.66 19.82
N LYS B 56 47.59 -6.81 19.47
CA LYS B 56 46.74 -7.91 19.06
C LYS B 56 46.59 -8.83 20.27
N ALA B 57 45.39 -8.84 20.82
CA ALA B 57 45.20 -9.38 22.17
C ALA B 57 44.41 -10.68 22.20
N TRP B 58 44.99 -11.69 22.85
CA TRP B 58 44.30 -12.96 23.04
C TRP B 58 43.72 -13.08 24.44
N LEU B 59 42.43 -13.42 24.50
CA LEU B 59 41.74 -13.54 25.76
C LEU B 59 41.62 -15.00 26.15
N LEU B 60 42.11 -15.33 27.33
CA LEU B 60 41.95 -16.67 27.87
C LEU B 60 41.02 -16.58 29.08
N SER B 61 39.74 -16.75 28.81
CA SER B 61 38.73 -16.62 29.87
C SER B 61 37.76 -17.79 29.82
N ALA B 62 36.66 -17.65 30.54
CA ALA B 62 35.65 -18.71 30.59
C ALA B 62 34.26 -18.10 30.54
N VAL B 63 33.45 -18.54 29.56
CA VAL B 63 32.03 -18.20 29.52
C VAL B 63 31.25 -19.51 29.46
N GLY B 64 29.95 -19.45 29.70
CA GLY B 64 29.15 -20.66 29.82
C GLY B 64 28.64 -21.24 28.52
N SER B 65 28.04 -22.43 28.61
CA SER B 65 27.43 -23.10 27.46
C SER B 65 26.18 -22.39 26.97
N ASP B 66 25.72 -21.41 27.75
CA ASP B 66 24.57 -20.59 27.36
C ASP B 66 24.87 -19.76 26.11
N PHE B 67 23.84 -19.10 25.60
CA PHE B 67 23.94 -18.34 24.35
C PHE B 67 24.51 -16.94 24.58
N TYR B 68 24.24 -16.40 25.77
CA TYR B 68 24.66 -15.05 26.12
C TYR B 68 26.17 -15.00 26.33
N GLY B 69 26.73 -16.16 26.67
CA GLY B 69 28.18 -16.31 26.74
C GLY B 69 28.75 -16.11 25.35
N GLN B 70 28.11 -16.76 24.37
CA GLN B 70 28.61 -16.74 23.01
C GLN B 70 28.46 -15.32 22.46
N SER B 71 27.50 -14.58 23.01
CA SER B 71 27.31 -13.19 22.61
C SER B 71 28.35 -12.29 23.26
N LEU B 72 28.78 -12.66 24.46
CA LEU B 72 29.86 -11.95 25.12
C LEU B 72 31.11 -12.09 24.28
N LEU B 73 31.45 -13.34 23.96
CA LEU B 73 32.57 -13.65 23.08
C LEU B 73 32.49 -12.91 21.76
N THR B 74 31.33 -12.94 21.11
CA THR B 74 31.16 -12.31 19.80
C THR B 74 31.35 -10.79 19.83
N GLN B 75 30.72 -10.14 20.81
CA GLN B 75 30.86 -8.70 20.97
C GLN B 75 32.34 -8.33 21.21
N THR B 76 32.99 -9.13 22.05
CA THR B 76 34.39 -8.89 22.39
C THR B 76 35.27 -9.07 21.15
N ASN B 77 35.01 -10.11 20.38
CA ASN B 77 35.76 -10.38 19.17
C ASN B 77 35.60 -9.28 18.14
N GLN B 78 34.40 -8.74 18.03
CA GLN B 78 34.17 -7.70 17.04
C GLN B 78 34.66 -6.36 17.60
N SER B 79 35.08 -6.36 18.87
CA SER B 79 35.76 -5.17 19.40
C SER B 79 37.25 -5.19 19.06
N GLY B 80 37.71 -6.31 18.51
CA GLY B 80 39.09 -6.43 18.05
C GLY B 80 39.90 -7.47 18.78
N VAL B 81 39.26 -8.18 19.71
CA VAL B 81 39.95 -9.14 20.56
C VAL B 81 39.84 -10.57 20.00
N TYR B 82 40.93 -11.33 20.11
CA TYR B 82 40.93 -12.71 19.64
C TYR B 82 40.42 -13.63 20.75
N VAL B 83 39.19 -14.11 20.60
CA VAL B 83 38.53 -14.88 21.67
C VAL B 83 38.44 -16.38 21.38
N ASP B 84 39.20 -16.87 20.40
CA ASP B 84 38.97 -18.22 19.90
C ASP B 84 39.64 -19.30 20.73
N LYS B 85 40.23 -18.92 21.86
CA LYS B 85 40.66 -19.90 22.87
C LYS B 85 39.94 -19.70 24.19
N CYS B 86 39.02 -18.74 24.24
CA CYS B 86 38.21 -18.58 25.44
C CYS B 86 37.44 -19.86 25.64
N LEU B 87 37.33 -20.28 26.89
CA LEU B 87 36.71 -21.57 27.19
C LEU B 87 35.19 -21.44 27.26
N ILE B 88 34.50 -22.31 26.52
CA ILE B 88 33.05 -22.40 26.68
C ILE B 88 32.75 -23.61 27.56
N VAL B 89 32.24 -23.34 28.76
CA VAL B 89 32.02 -24.40 29.73
C VAL B 89 30.56 -24.88 29.71
N PRO B 90 30.37 -26.20 29.53
CA PRO B 90 29.07 -26.88 29.49
C PRO B 90 28.35 -26.88 30.84
N GLY B 91 27.03 -26.83 30.78
CA GLY B 91 26.22 -27.01 31.98
C GLY B 91 26.12 -25.79 32.88
N GLU B 92 27.17 -24.98 32.92
CA GLU B 92 27.19 -23.87 33.85
C GLU B 92 26.99 -22.57 33.08
N ASN B 93 26.55 -21.53 33.78
CA ASN B 93 26.13 -20.32 33.10
C ASN B 93 27.18 -19.21 33.22
N THR B 94 27.20 -18.35 32.21
CA THR B 94 28.16 -17.25 32.11
C THR B 94 28.05 -16.28 33.28
N SER B 95 29.21 -15.94 33.84
CA SER B 95 29.31 -15.09 35.02
C SER B 95 28.86 -13.66 34.71
N SER B 96 28.51 -12.92 35.76
CA SER B 96 27.92 -11.59 35.59
C SER B 96 28.03 -10.68 36.82
N TYR B 97 27.90 -9.38 36.58
CA TYR B 97 27.92 -8.37 37.65
C TYR B 97 26.64 -7.54 37.57
N LEU B 98 25.68 -7.93 38.40
CA LEU B 98 24.39 -7.26 38.49
C LEU B 98 24.51 -6.04 39.39
N SER B 99 23.85 -4.96 38.99
CA SER B 99 23.98 -3.68 39.66
C SER B 99 22.65 -2.93 39.66
N LEU B 100 22.09 -2.80 40.85
CA LEU B 100 20.90 -2.01 41.07
C LEU B 100 21.35 -0.60 41.40
N LEU B 101 20.92 0.35 40.58
CA LEU B 101 21.29 1.74 40.74
C LEU B 101 20.07 2.59 41.05
N ASP B 102 20.32 3.89 41.09
CA ASP B 102 19.29 4.91 41.14
C ASP B 102 19.94 6.11 40.48
N ASN B 103 19.16 7.14 40.14
CA ASN B 103 19.73 8.33 39.53
C ASN B 103 20.84 8.97 40.36
N GLU B 106 24.03 6.64 40.99
CA GLU B 106 24.16 6.39 42.42
C GLU B 106 23.78 4.95 42.76
N MET B 107 24.78 4.10 42.93
CA MET B 107 24.58 2.66 43.14
C MET B 107 23.78 2.40 44.42
N LEU B 108 22.83 1.47 44.35
CA LEU B 108 22.16 0.99 45.56
C LEU B 108 22.68 -0.38 46.03
N VAL B 109 22.83 -1.34 45.12
CA VAL B 109 23.33 -2.64 45.56
C VAL B 109 23.90 -3.39 44.37
N ALA B 110 24.67 -4.44 44.62
CA ALA B 110 25.29 -5.18 43.53
C ALA B 110 25.49 -6.64 43.91
N ILE B 111 25.39 -7.50 42.91
CA ILE B 111 25.58 -8.92 43.09
C ILE B 111 26.62 -9.35 42.08
N ASN B 112 27.56 -10.20 42.47
CA ASN B 112 28.45 -10.77 41.47
C ASN B 112 28.37 -12.30 41.51
N ASP B 113 28.23 -12.87 40.33
CA ASP B 113 28.20 -14.32 40.17
C ASP B 113 29.38 -14.67 39.28
N MET B 114 30.48 -15.11 39.89
CA MET B 114 31.74 -15.27 39.16
C MET B 114 32.44 -16.59 39.45
N ASN B 115 31.70 -17.69 39.47
CA ASN B 115 32.25 -18.97 39.93
C ASN B 115 32.86 -19.72 38.75
N ILE B 116 32.47 -19.38 37.53
CA ILE B 116 33.05 -20.02 36.35
C ILE B 116 34.50 -19.58 36.14
N SER B 117 34.92 -18.56 36.88
CA SER B 117 36.32 -18.15 36.86
C SER B 117 37.19 -19.28 37.41
N ASN B 118 36.62 -20.11 38.26
CA ASN B 118 37.33 -21.26 38.81
C ASN B 118 37.48 -22.37 37.78
N ALA B 119 36.83 -22.21 36.63
CA ALA B 119 37.00 -23.16 35.53
C ALA B 119 38.24 -22.81 34.71
N ILE B 120 38.69 -21.56 34.82
CA ILE B 120 39.94 -21.15 34.18
C ILE B 120 41.06 -21.86 34.95
N THR B 121 41.26 -23.13 34.64
CA THR B 121 42.13 -24.00 35.42
C THR B 121 43.56 -24.04 34.90
N ALA B 122 44.41 -24.77 35.62
CA ALA B 122 45.79 -25.00 35.23
C ALA B 122 45.87 -25.89 34.00
N GLU B 123 44.95 -26.85 33.94
CA GLU B 123 44.84 -27.77 32.81
C GLU B 123 44.59 -26.96 31.53
N TYR B 124 43.62 -26.06 31.63
CA TYR B 124 43.20 -25.21 30.53
C TYR B 124 44.36 -24.38 29.99
N LEU B 125 45.06 -23.69 30.87
CA LEU B 125 46.19 -22.84 30.45
C LEU B 125 47.36 -23.69 29.93
N ALA B 126 47.54 -24.87 30.53
CA ALA B 126 48.60 -25.78 30.13
C ALA B 126 48.40 -26.29 28.72
N GLN B 127 47.15 -26.35 28.28
CA GLN B 127 46.89 -26.77 26.90
C GLN B 127 47.21 -25.64 25.93
N HIS B 128 47.59 -24.48 26.47
CA HIS B 128 48.05 -23.37 25.65
C HIS B 128 49.39 -22.85 26.15
N ARG B 129 50.12 -23.69 26.88
CA ARG B 129 51.46 -23.36 27.39
C ARG B 129 52.32 -22.63 26.37
N GLU B 130 52.57 -23.29 25.24
CA GLU B 130 53.39 -22.75 24.16
C GLU B 130 52.97 -21.33 23.75
N PHE B 131 51.67 -21.20 23.44
CA PHE B 131 51.10 -19.95 22.96
C PHE B 131 51.28 -18.84 23.99
N ILE B 132 51.05 -19.18 25.24
CA ILE B 132 51.19 -18.21 26.33
C ILE B 132 52.65 -17.78 26.47
N GLN B 133 53.55 -18.75 26.37
CA GLN B 133 54.97 -18.51 26.57
C GLN B 133 55.60 -17.82 25.36
N ARG B 134 54.83 -17.58 24.31
CA ARG B 134 55.39 -16.83 23.17
C ARG B 134 54.74 -15.46 22.97
N ALA B 135 54.14 -14.92 24.03
CA ALA B 135 53.58 -13.59 23.96
C ALA B 135 54.62 -12.59 24.41
N LYS B 136 54.49 -11.34 24.00
CA LYS B 136 55.40 -10.29 24.46
C LYS B 136 55.12 -9.93 25.92
N VAL B 137 53.87 -10.09 26.33
CA VAL B 137 53.49 -9.80 27.72
C VAL B 137 52.20 -10.54 28.08
N ILE B 138 52.14 -11.01 29.32
CA ILE B 138 50.95 -11.66 29.86
C ILE B 138 50.28 -10.80 30.90
N VAL B 139 48.97 -10.59 30.79
CA VAL B 139 48.24 -9.84 31.80
C VAL B 139 47.21 -10.74 32.48
N ALA B 140 47.31 -10.82 33.80
CA ALA B 140 46.44 -11.70 34.57
C ALA B 140 45.68 -10.89 35.62
N ASP B 141 44.44 -11.26 35.90
CA ASP B 141 43.71 -10.61 36.99
C ASP B 141 43.54 -11.59 38.14
N CYS B 142 43.21 -11.10 39.31
CA CYS B 142 43.13 -11.98 40.48
C CYS B 142 41.72 -12.51 40.72
N ASN B 143 40.89 -12.45 39.69
CA ASN B 143 39.61 -13.15 39.68
C ASN B 143 39.82 -14.66 39.59
N ILE B 144 40.96 -15.06 39.04
CA ILE B 144 41.21 -16.49 38.83
C ILE B 144 41.65 -17.12 40.13
N SER B 145 41.71 -18.45 40.17
CA SER B 145 42.05 -19.17 41.39
C SER B 145 43.53 -18.98 41.73
N GLU B 146 43.89 -19.31 42.97
CA GLU B 146 45.28 -19.20 43.39
C GLU B 146 46.14 -20.18 42.61
N GLU B 147 45.56 -21.35 42.34
CA GLU B 147 46.24 -22.39 41.57
C GLU B 147 46.51 -21.89 40.15
N ALA B 148 45.58 -21.13 39.60
CA ALA B 148 45.72 -20.69 38.23
C ALA B 148 46.75 -19.57 38.12
N LEU B 149 46.71 -18.64 39.06
CA LEU B 149 47.68 -17.55 39.08
C LEU B 149 49.08 -18.10 39.34
N ALA B 150 49.16 -19.08 40.23
CA ALA B 150 50.44 -19.71 40.52
C ALA B 150 50.97 -20.44 39.29
N TRP B 151 50.06 -21.05 38.53
CA TRP B 151 50.50 -21.72 37.32
C TRP B 151 51.03 -20.72 36.30
N ILE B 152 50.35 -19.59 36.16
CA ILE B 152 50.80 -18.57 35.20
C ILE B 152 52.19 -18.06 35.59
N LEU B 153 52.35 -17.71 36.87
CA LEU B 153 53.61 -17.15 37.34
C LEU B 153 54.75 -18.18 37.31
N ASP B 154 54.41 -19.47 37.43
CA ASP B 154 55.42 -20.53 37.42
C ASP B 154 55.83 -20.98 36.01
N ASN B 155 55.03 -20.64 35.01
CA ASN B 155 55.32 -21.08 33.65
C ASN B 155 55.32 -19.95 32.63
N ALA B 156 55.82 -18.78 33.04
CA ALA B 156 55.78 -17.62 32.16
C ALA B 156 57.00 -17.56 31.26
N ALA B 157 58.02 -18.35 31.60
CA ALA B 157 59.23 -18.46 30.78
C ALA B 157 59.83 -17.09 30.49
N ASN B 158 59.98 -16.29 31.54
CA ASN B 158 60.58 -14.97 31.46
C ASN B 158 59.77 -14.01 30.58
N VAL B 159 58.51 -14.33 30.33
CA VAL B 159 57.58 -13.36 29.78
C VAL B 159 57.01 -12.57 30.95
N PRO B 160 57.12 -11.24 30.87
CA PRO B 160 56.62 -10.37 31.94
C PRO B 160 55.14 -10.61 32.27
N VAL B 161 54.83 -10.83 33.54
CA VAL B 161 53.43 -10.94 33.96
C VAL B 161 52.99 -9.66 34.66
N PHE B 162 52.04 -8.96 34.04
CA PHE B 162 51.37 -7.81 34.62
C PHE B 162 50.13 -8.28 35.38
N VAL B 163 50.05 -7.99 36.67
CA VAL B 163 48.93 -8.48 37.48
C VAL B 163 48.02 -7.38 37.99
N ASP B 164 46.73 -7.51 37.70
CA ASP B 164 45.68 -6.67 38.27
C ASP B 164 45.07 -7.35 39.49
N PRO B 165 45.20 -6.72 40.66
CA PRO B 165 44.81 -7.25 41.98
C PRO B 165 43.29 -7.32 42.18
N VAL B 166 42.55 -6.56 41.39
CA VAL B 166 41.08 -6.55 41.38
C VAL B 166 40.44 -5.96 42.64
N SER B 167 40.53 -6.68 43.76
CA SER B 167 39.90 -6.23 45.01
C SER B 167 40.74 -6.50 46.25
N ALA B 168 40.33 -5.91 47.36
CA ALA B 168 41.01 -6.11 48.64
C ALA B 168 40.94 -7.56 49.06
N TRP B 169 39.86 -8.22 48.67
CA TRP B 169 39.62 -9.61 49.05
C TRP B 169 40.42 -10.54 48.13
N LYS B 170 40.55 -10.15 46.87
CA LYS B 170 41.16 -11.01 45.87
C LYS B 170 42.65 -10.75 45.64
N CYS B 171 43.16 -9.64 46.13
CA CYS B 171 44.56 -9.30 45.91
C CYS B 171 45.49 -10.21 46.69
N VAL B 172 44.98 -10.78 47.79
CA VAL B 172 45.85 -11.47 48.76
C VAL B 172 46.65 -12.62 48.14
N LYS B 173 46.12 -13.24 47.09
CA LYS B 173 46.79 -14.40 46.48
C LYS B 173 48.09 -14.01 45.79
N VAL B 174 48.37 -12.71 45.80
CA VAL B 174 49.55 -12.17 45.14
C VAL B 174 50.71 -12.02 46.15
N ARG B 175 50.39 -12.00 47.44
CA ARG B 175 51.38 -11.67 48.48
C ARG B 175 52.65 -12.54 48.45
N ASP B 176 52.48 -13.85 48.31
CA ASP B 176 53.62 -14.76 48.32
C ASP B 176 54.28 -14.94 46.95
N ARG B 177 53.90 -14.15 45.95
CA ARG B 177 54.42 -14.40 44.60
C ARG B 177 54.81 -13.10 43.93
N LEU B 178 55.06 -12.07 44.74
CA LEU B 178 55.46 -10.77 44.24
C LEU B 178 56.79 -10.84 43.49
N ASN B 179 57.59 -11.86 43.77
CA ASN B 179 58.88 -12.02 43.10
C ASN B 179 58.72 -12.62 41.69
N GLN B 180 57.51 -13.05 41.37
CA GLN B 180 57.24 -13.62 40.05
C GLN B 180 56.45 -12.65 39.18
N ILE B 181 56.25 -11.44 39.67
CA ILE B 181 55.39 -10.47 38.99
C ILE B 181 56.19 -9.26 38.51
N HIS B 182 56.05 -8.93 37.23
CA HIS B 182 56.78 -7.80 36.65
C HIS B 182 56.25 -6.47 37.12
N THR B 183 54.92 -6.32 37.04
CA THR B 183 54.26 -5.07 37.39
C THR B 183 52.95 -5.34 38.12
N LEU B 184 52.79 -4.76 39.30
CA LEU B 184 51.54 -4.84 40.06
C LEU B 184 50.91 -3.48 40.17
N LYS B 185 49.60 -3.43 39.98
CA LYS B 185 48.85 -2.17 40.05
C LYS B 185 47.76 -2.21 41.12
N PRO B 186 48.14 -2.03 42.40
CA PRO B 186 47.11 -2.05 43.43
C PRO B 186 46.57 -0.66 43.73
N ASN B 187 45.38 -0.58 44.33
CA ASN B 187 44.90 0.68 44.84
C ASN B 187 45.40 0.84 46.28
N ARG B 188 45.01 1.91 46.95
CA ARG B 188 45.38 2.12 48.35
C ARG B 188 45.05 0.94 49.23
N LEU B 189 43.78 0.55 49.19
CA LEU B 189 43.28 -0.50 50.06
C LEU B 189 43.98 -1.82 49.77
N GLU B 190 44.24 -2.09 48.50
CA GLU B 190 44.91 -3.32 48.09
C GLU B 190 46.36 -3.36 48.59
N ALA B 191 47.05 -2.23 48.47
CA ALA B 191 48.43 -2.15 48.93
C ALA B 191 48.53 -2.29 50.44
N GLU B 192 47.59 -1.66 51.14
CA GLU B 192 47.50 -1.75 52.59
C GLU B 192 47.23 -3.20 53.00
N THR B 193 46.33 -3.85 52.28
CA THR B 193 45.94 -5.23 52.58
C THR B 193 47.08 -6.21 52.34
N LEU B 194 47.89 -5.93 51.31
CA LEU B 194 49.02 -6.78 50.99
C LEU B 194 50.18 -6.59 51.97
N SER B 195 50.57 -5.34 52.19
CA SER B 195 51.75 -5.04 52.98
C SER B 195 51.54 -5.21 54.49
N GLY B 196 50.33 -4.93 54.96
CA GLY B 196 50.06 -4.90 56.39
C GLY B 196 50.50 -3.57 56.98
N ILE B 197 50.68 -2.59 56.10
CA ILE B 197 51.10 -1.25 56.48
C ILE B 197 50.02 -0.25 56.11
N ALA B 198 49.67 0.63 57.04
CA ALA B 198 48.59 1.59 56.80
C ALA B 198 49.04 2.69 55.86
N LEU B 199 48.18 3.01 54.89
CA LEU B 199 48.41 4.11 53.99
C LEU B 199 47.57 5.31 54.41
N SER B 200 47.84 5.82 55.60
CA SER B 200 47.11 6.95 56.15
C SER B 200 47.29 8.18 55.28
N GLY B 201 48.51 8.40 54.80
CA GLY B 201 48.82 9.55 53.99
C GLY B 201 49.94 9.31 52.99
N ARG B 202 50.32 10.37 52.28
CA ARG B 202 51.37 10.29 51.27
C ARG B 202 52.74 10.10 51.91
N ASP B 203 52.80 10.18 53.23
CA ASP B 203 54.00 9.86 53.99
C ASP B 203 54.35 8.39 53.90
N ASP B 204 53.35 7.53 53.70
CA ASP B 204 53.54 6.11 53.90
C ASP B 204 53.76 5.33 52.60
N VAL B 205 53.82 6.03 51.48
CA VAL B 205 54.01 5.34 50.19
C VAL B 205 55.42 4.74 50.14
N ALA B 206 56.39 5.44 50.73
CA ALA B 206 57.77 4.95 50.73
C ALA B 206 57.93 3.64 51.48
N LYS B 207 57.38 3.57 52.69
CA LYS B 207 57.47 2.36 53.49
C LYS B 207 56.71 1.20 52.86
N VAL B 208 55.59 1.51 52.22
CA VAL B 208 54.80 0.49 51.55
C VAL B 208 55.54 -0.08 50.34
N ALA B 209 56.06 0.83 49.52
CA ALA B 209 56.81 0.45 48.33
C ALA B 209 58.07 -0.34 48.71
N ALA B 210 58.73 0.12 49.76
CA ALA B 210 59.92 -0.56 50.24
C ALA B 210 59.55 -1.97 50.69
N TRP B 211 58.37 -2.10 51.29
CA TRP B 211 57.93 -3.42 51.71
C TRP B 211 57.71 -4.31 50.50
N PHE B 212 57.10 -3.76 49.46
CA PHE B 212 56.84 -4.51 48.22
C PHE B 212 58.13 -4.96 47.54
N HIS B 213 59.11 -4.06 47.50
CA HIS B 213 60.38 -4.35 46.87
C HIS B 213 61.19 -5.36 47.67
N GLN B 214 61.13 -5.31 49.01
CA GLN B 214 61.88 -6.30 49.78
C GLN B 214 61.21 -7.67 49.70
N HIS B 215 59.96 -7.69 49.25
CA HIS B 215 59.32 -8.96 49.04
C HIS B 215 59.42 -9.37 47.58
N GLY B 216 60.19 -8.59 46.81
CA GLY B 216 60.61 -9.03 45.49
C GLY B 216 59.83 -8.49 44.31
N LEU B 217 58.98 -7.50 44.52
CA LEU B 217 58.22 -6.91 43.42
C LEU B 217 59.09 -6.00 42.57
N ASN B 218 59.14 -6.31 41.28
CA ASN B 218 59.89 -5.53 40.31
C ASN B 218 59.36 -4.11 40.17
N ARG B 219 58.08 -3.99 39.82
CA ARG B 219 57.47 -2.67 39.66
C ARG B 219 56.13 -2.53 40.37
N LEU B 220 55.97 -1.39 41.02
CA LEU B 220 54.74 -1.04 41.72
C LEU B 220 54.12 0.18 41.07
N VAL B 221 52.87 0.04 40.64
CA VAL B 221 52.06 1.17 40.20
C VAL B 221 50.90 1.35 41.17
N LEU B 222 51.06 2.32 42.06
CA LEU B 222 50.16 2.53 43.19
C LEU B 222 49.19 3.69 42.94
N SER B 223 47.92 3.40 42.72
CA SER B 223 46.93 4.48 42.56
C SER B 223 46.34 4.87 43.90
N MET B 224 46.49 6.14 44.27
CA MET B 224 46.08 6.61 45.59
C MET B 224 44.83 7.46 45.51
N GLY B 225 44.28 7.56 44.31
CA GLY B 225 43.08 8.35 44.10
C GLY B 225 43.44 9.78 43.73
N GLY B 226 43.05 10.71 44.60
CA GLY B 226 43.27 12.12 44.35
C GLY B 226 44.72 12.49 44.62
N ASP B 227 45.36 11.69 45.46
CA ASP B 227 46.78 11.89 45.76
C ASP B 227 47.60 11.70 44.50
N GLY B 228 47.16 10.79 43.64
CA GLY B 228 47.79 10.57 42.35
C GLY B 228 48.24 9.13 42.18
N VAL B 229 49.17 8.91 41.26
CA VAL B 229 49.78 7.60 41.10
C VAL B 229 51.25 7.62 41.52
N TYR B 230 51.58 6.84 42.54
CA TYR B 230 52.98 6.66 42.96
C TYR B 230 53.56 5.40 42.34
N TYR B 231 54.61 5.57 41.54
CA TYR B 231 55.26 4.43 40.88
C TYR B 231 56.67 4.19 41.43
N SER B 232 57.03 2.92 41.60
CA SER B 232 58.32 2.56 42.17
C SER B 232 58.95 1.35 41.48
N ASP B 233 60.22 1.50 41.12
CA ASP B 233 61.00 0.41 40.52
C ASP B 233 61.97 -0.19 41.55
N ILE B 234 62.05 -1.51 41.61
CA ILE B 234 62.93 -2.18 42.57
C ILE B 234 64.41 -1.78 42.35
N ARG B 235 64.71 -1.20 41.19
CA ARG B 235 66.05 -0.69 40.89
C ARG B 235 66.28 0.74 41.36
N GLY B 236 65.28 1.34 42.02
CA GLY B 236 65.49 2.61 42.68
C GLY B 236 64.72 3.82 42.18
N GLU B 237 64.23 3.75 40.94
CA GLU B 237 63.44 4.85 40.40
C GLU B 237 62.03 4.91 40.99
N ASN B 238 61.65 6.08 41.48
CA ASN B 238 60.30 6.28 41.98
C ASN B 238 59.80 7.69 41.72
N GLY B 239 58.49 7.86 41.76
CA GLY B 239 57.91 9.18 41.60
C GLY B 239 56.41 9.27 41.74
N TRP B 240 55.92 10.50 41.72
CA TRP B 240 54.49 10.77 41.75
C TRP B 240 54.06 11.26 40.37
N SER B 241 52.83 10.94 40.00
CA SER B 241 52.21 11.58 38.86
C SER B 241 50.84 12.06 39.28
N ALA B 242 50.59 13.37 39.14
CA ALA B 242 49.33 13.95 39.56
C ALA B 242 48.23 13.57 38.59
N PRO B 243 46.99 13.46 39.10
CA PRO B 243 45.87 13.00 38.27
C PRO B 243 45.58 13.95 37.10
N ILE B 244 45.16 13.38 35.98
CA ILE B 244 44.58 14.18 34.90
C ILE B 244 43.15 14.51 35.30
N LYS B 245 42.92 15.75 35.75
CA LYS B 245 41.61 16.15 36.21
C LYS B 245 40.61 16.12 35.06
N THR B 246 39.44 15.52 35.31
CA THR B 246 38.52 15.17 34.23
C THR B 246 37.04 15.38 34.57
N ASN B 247 36.21 15.32 33.53
CA ASN B 247 34.76 15.27 33.72
C ASN B 247 34.30 13.83 33.95
N VAL B 248 34.29 13.41 35.21
CA VAL B 248 33.98 12.03 35.52
C VAL B 248 32.47 11.79 35.42
N ILE B 249 32.06 10.92 34.49
CA ILE B 249 30.67 10.53 34.46
C ILE B 249 30.50 9.20 35.22
N ASN B 250 31.06 8.09 34.73
CA ASN B 250 31.19 6.93 35.64
C ASN B 250 32.64 6.38 35.64
N VAL B 251 33.04 5.83 36.77
CA VAL B 251 34.43 5.45 37.02
C VAL B 251 34.80 4.03 36.62
N THR B 252 33.82 3.20 36.31
CA THR B 252 34.08 1.80 35.97
C THR B 252 35.02 1.69 34.77
N GLY B 253 35.92 0.71 34.81
CA GLY B 253 36.84 0.48 33.69
C GLY B 253 38.05 1.39 33.70
N ALA B 254 38.19 2.19 34.75
CA ALA B 254 39.34 3.09 34.87
C ALA B 254 40.64 2.31 35.01
N GLY B 255 40.72 1.50 36.06
CA GLY B 255 41.89 0.70 36.33
C GLY B 255 42.17 -0.32 35.22
N ASP B 256 41.09 -0.76 34.57
CA ASP B 256 41.19 -1.70 33.45
C ASP B 256 41.95 -1.04 32.29
N ALA B 257 41.60 0.23 32.08
CA ALA B 257 42.20 1.03 31.03
C ALA B 257 43.65 1.32 31.37
N MET B 258 43.91 1.56 32.65
CA MET B 258 45.27 1.83 33.10
C MET B 258 46.16 0.61 32.90
N MET B 259 45.66 -0.56 33.28
CA MET B 259 46.43 -1.78 33.09
C MET B 259 46.75 -1.96 31.62
N ALA B 260 45.75 -1.75 30.78
CA ALA B 260 45.96 -1.86 29.34
C ALA B 260 47.07 -0.92 28.88
N GLY B 261 47.03 0.32 29.37
CA GLY B 261 48.05 1.30 29.04
C GLY B 261 49.45 0.86 29.46
N LEU B 262 49.57 0.29 30.65
CA LEU B 262 50.85 -0.16 31.17
C LEU B 262 51.44 -1.27 30.30
N ALA B 263 50.64 -2.30 30.07
CA ALA B 263 51.12 -3.43 29.28
C ALA B 263 51.47 -3.01 27.86
N SER B 264 50.61 -2.17 27.27
CA SER B 264 50.81 -1.72 25.91
C SER B 264 52.07 -0.89 25.77
N CYS B 265 52.24 0.08 26.68
CA CYS B 265 53.41 0.93 26.66
C CYS B 265 54.69 0.14 26.89
N TRP B 266 54.60 -0.89 27.74
CA TRP B 266 55.75 -1.76 27.95
C TRP B 266 56.13 -2.45 26.66
N VAL B 267 55.12 -2.96 25.95
CA VAL B 267 55.35 -3.64 24.69
C VAL B 267 55.92 -2.68 23.64
N ASP B 268 55.60 -1.39 23.78
CA ASP B 268 56.04 -0.41 22.80
C ASP B 268 57.43 0.16 23.11
N GLY B 269 58.08 -0.40 24.13
CA GLY B 269 59.42 0.04 24.50
C GLY B 269 59.49 1.35 25.26
N MET B 270 58.36 1.82 25.78
CA MET B 270 58.34 3.07 26.53
C MET B 270 58.94 2.93 27.93
N PRO B 271 59.59 3.98 28.41
CA PRO B 271 60.10 4.03 29.79
C PRO B 271 58.98 3.96 30.82
N PHE B 272 59.34 3.62 32.06
CA PHE B 272 58.38 3.40 33.14
C PHE B 272 57.47 4.60 33.41
N ALA B 273 58.07 5.73 33.76
CA ALA B 273 57.33 6.92 34.17
C ALA B 273 56.33 7.39 33.11
N GLU B 274 56.80 7.45 31.86
CA GLU B 274 55.99 7.94 30.76
C GLU B 274 54.89 6.94 30.43
N SER B 275 55.14 5.67 30.77
CA SER B 275 54.14 4.63 30.60
C SER B 275 53.05 4.83 31.65
N VAL B 276 53.44 5.30 32.82
CA VAL B 276 52.49 5.56 33.89
C VAL B 276 51.62 6.77 33.54
N ARG B 277 52.25 7.83 33.06
CA ARG B 277 51.50 9.01 32.64
C ARG B 277 50.51 8.67 31.53
N PHE B 278 50.99 7.96 30.52
CA PHE B 278 50.14 7.49 29.42
C PHE B 278 48.97 6.66 29.94
N ALA B 279 49.27 5.76 30.87
CA ALA B 279 48.25 4.90 31.46
C ALA B 279 47.17 5.70 32.18
N GLN B 280 47.59 6.75 32.90
CA GLN B 280 46.67 7.65 33.58
C GLN B 280 45.77 8.32 32.56
N GLY B 281 46.35 8.70 31.42
CA GLY B 281 45.58 9.30 30.35
C GLY B 281 44.49 8.35 29.85
N CYS B 282 44.88 7.10 29.65
CA CYS B 282 43.93 6.05 29.29
C CYS B 282 42.78 5.98 30.30
N SER B 283 43.12 5.93 31.59
CA SER B 283 42.10 5.76 32.62
C SER B 283 41.18 6.97 32.61
N SER B 284 41.74 8.11 32.24
CA SER B 284 40.99 9.35 32.11
C SER B 284 39.95 9.25 31.00
N MET B 285 40.38 8.75 29.84
CA MET B 285 39.44 8.48 28.76
C MET B 285 38.33 7.56 29.23
N ALA B 286 38.69 6.58 30.04
CA ALA B 286 37.69 5.66 30.57
C ALA B 286 36.71 6.35 31.52
N LEU B 287 37.22 7.27 32.35
CA LEU B 287 36.41 7.97 33.34
C LEU B 287 35.36 8.86 32.69
N SER B 288 35.63 9.25 31.45
CA SER B 288 34.79 10.20 30.74
C SER B 288 33.88 9.51 29.72
N CYS B 289 33.65 8.22 29.94
CA CYS B 289 32.76 7.46 29.07
C CYS B 289 31.74 6.70 29.92
N GLU B 290 30.47 6.81 29.55
CA GLU B 290 29.37 6.17 30.27
C GLU B 290 29.50 4.64 30.25
N TYR B 291 30.26 4.14 29.29
CA TYR B 291 30.38 2.70 29.06
C TYR B 291 31.61 2.13 29.78
N THR B 292 31.68 0.81 29.92
CA THR B 292 32.78 0.17 30.65
C THR B 292 34.11 0.29 29.90
N ASN B 293 34.07 0.22 28.58
CA ASN B 293 35.22 0.50 27.73
C ASN B 293 34.86 1.60 26.75
N ASN B 294 35.79 2.53 26.53
CA ASN B 294 35.58 3.61 25.57
C ASN B 294 36.13 3.24 24.20
N PRO B 295 35.25 3.15 23.19
CA PRO B 295 35.65 2.85 21.81
C PRO B 295 36.38 3.97 21.10
N ASP B 296 36.60 5.10 21.78
CA ASP B 296 37.47 6.13 21.24
C ASP B 296 38.78 6.18 22.02
N LEU B 297 39.08 5.08 22.73
CA LEU B 297 40.40 4.94 23.32
C LEU B 297 41.35 4.57 22.19
N SER B 298 42.36 5.40 22.00
CA SER B 298 43.31 5.25 20.90
C SER B 298 44.63 5.85 21.33
N ILE B 299 45.74 5.35 20.78
CA ILE B 299 47.06 5.95 21.03
C ILE B 299 47.04 7.45 20.76
N ALA B 300 46.40 7.82 19.65
CA ALA B 300 46.32 9.20 19.22
C ALA B 300 45.66 10.14 20.22
N ASN B 301 44.44 9.84 20.62
CA ASN B 301 43.70 10.87 21.34
C ASN B 301 43.91 10.74 22.86
N VAL B 302 44.50 9.63 23.30
CA VAL B 302 45.01 9.57 24.66
C VAL B 302 46.31 10.37 24.70
N ILE B 303 47.16 10.24 23.69
CA ILE B 303 48.41 11.00 23.65
C ILE B 303 48.06 12.49 23.57
N SER B 304 46.92 12.81 22.98
CA SER B 304 46.44 14.19 22.97
C SER B 304 45.89 14.58 24.35
N LEU B 305 45.32 13.60 25.07
CA LEU B 305 44.89 13.86 26.45
C LEU B 305 46.09 14.06 27.38
N VAL B 306 47.25 13.54 26.97
CA VAL B 306 48.47 13.61 27.79
C VAL B 306 49.30 14.85 27.46
N GLU B 307 49.36 15.23 26.18
CA GLU B 307 50.12 16.42 25.81
C GLU B 307 49.40 17.70 26.19
N ASN B 308 48.11 17.58 26.51
CA ASN B 308 47.34 18.73 26.96
C ASN B 308 47.65 19.01 28.43
N ALA B 309 48.60 18.24 28.98
CA ALA B 309 49.15 18.52 30.30
C ALA B 309 49.91 19.84 30.28
N LYS C 4 9.97 20.91 -16.10
CA LYS C 4 9.17 19.72 -15.88
C LYS C 4 8.05 19.98 -14.88
N ASP C 5 7.44 21.15 -14.96
CA ASP C 5 6.24 21.42 -14.20
C ASP C 5 5.03 20.99 -15.01
N TYR C 6 4.15 20.20 -14.38
CA TYR C 6 2.95 19.74 -15.05
C TYR C 6 1.72 19.97 -14.18
N VAL C 7 0.56 19.99 -14.83
CA VAL C 7 -0.71 20.23 -14.17
C VAL C 7 -1.53 18.95 -14.30
N VAL C 8 -2.28 18.60 -13.25
CA VAL C 8 -3.11 17.39 -13.28
C VAL C 8 -4.59 17.75 -13.22
N ILE C 9 -5.37 17.22 -14.16
CA ILE C 9 -6.81 17.46 -14.19
C ILE C 9 -7.55 16.15 -13.96
N ILE C 10 -8.39 16.12 -12.93
CA ILE C 10 -9.18 14.94 -12.62
C ILE C 10 -10.67 15.25 -12.79
N GLY C 11 -11.25 14.76 -13.89
CA GLY C 11 -12.61 15.09 -14.25
C GLY C 11 -13.18 14.11 -15.26
N SER C 12 -14.30 14.49 -15.87
CA SER C 12 -14.99 13.56 -16.74
C SER C 12 -14.66 13.81 -18.21
N ALA C 13 -14.60 12.72 -18.98
CA ALA C 13 -14.38 12.80 -20.43
C ALA C 13 -15.62 12.34 -21.15
N ASN C 14 -16.24 13.24 -21.90
CA ASN C 14 -17.47 12.93 -22.59
C ASN C 14 -17.37 13.17 -24.09
N ILE C 15 -18.33 12.59 -24.82
CA ILE C 15 -18.58 12.98 -26.21
C ILE C 15 -19.90 13.72 -26.24
N ASP C 16 -19.85 14.98 -26.64
CA ASP C 16 -21.07 15.76 -26.81
C ASP C 16 -21.58 15.50 -28.22
N VAL C 17 -22.82 15.07 -28.34
CA VAL C 17 -23.41 14.93 -29.66
C VAL C 17 -24.57 15.89 -29.78
N ALA C 18 -24.50 16.77 -30.78
CA ALA C 18 -25.56 17.77 -30.97
C ALA C 18 -26.26 17.58 -32.30
N GLY C 19 -27.58 17.53 -32.27
CA GLY C 19 -28.33 17.38 -33.51
C GLY C 19 -29.43 18.41 -33.66
N TYR C 20 -29.57 18.97 -34.86
CA TYR C 20 -30.72 19.82 -35.17
C TYR C 20 -31.34 19.58 -36.54
N SER C 21 -32.56 20.06 -36.72
CA SER C 21 -33.37 19.82 -37.92
C SER C 21 -33.36 20.95 -38.96
N HIS C 22 -34.37 20.94 -39.83
CA HIS C 22 -34.52 21.93 -40.88
C HIS C 22 -35.99 22.29 -41.08
N LEU C 25 -39.82 20.21 -38.46
CA LEU C 25 -39.45 19.18 -37.48
C LEU C 25 -40.73 18.65 -36.86
N ASN C 26 -41.05 17.38 -37.08
CA ASN C 26 -42.05 16.75 -36.23
C ASN C 26 -41.84 15.26 -36.04
N TYR C 27 -42.60 14.71 -35.10
CA TYR C 27 -42.22 13.51 -34.38
C TYR C 27 -42.58 12.22 -35.10
N ALA C 28 -41.96 11.13 -34.67
CA ALA C 28 -42.04 9.84 -35.33
C ALA C 28 -41.73 9.99 -36.81
N ASP C 29 -40.62 10.66 -37.10
CA ASP C 29 -40.15 10.79 -38.46
C ASP C 29 -38.66 11.16 -38.40
N SER C 30 -37.86 10.49 -39.21
CA SER C 30 -36.43 10.78 -39.34
C SER C 30 -36.15 12.11 -40.06
N ASN C 31 -35.94 13.21 -39.35
CA ASN C 31 -35.77 14.44 -40.13
C ASN C 31 -34.31 14.72 -40.43
N PRO C 32 -34.00 14.90 -41.72
CA PRO C 32 -32.69 15.35 -42.21
C PRO C 32 -32.25 16.60 -41.48
N GLY C 33 -30.97 16.68 -41.13
CA GLY C 33 -30.47 17.82 -40.39
C GLY C 33 -28.96 17.79 -40.26
N LYS C 34 -28.46 18.23 -39.11
CA LYS C 34 -27.02 18.24 -38.88
C LYS C 34 -26.67 17.72 -37.50
N ILE C 35 -25.69 16.82 -37.48
CA ILE C 35 -25.21 16.22 -36.25
C ILE C 35 -23.71 16.49 -36.12
N LYS C 36 -23.28 16.91 -34.94
CA LYS C 36 -21.85 17.14 -34.68
C LYS C 36 -21.39 16.43 -33.42
N PHE C 37 -20.27 15.73 -33.55
CA PHE C 37 -19.60 15.10 -32.42
C PHE C 37 -18.47 16.01 -31.97
N THR C 38 -18.61 16.59 -30.78
CA THR C 38 -17.54 17.39 -30.19
C THR C 38 -16.99 16.66 -28.97
N PRO C 39 -15.71 16.84 -28.68
CA PRO C 39 -15.20 16.31 -27.41
C PRO C 39 -15.62 17.21 -26.25
N GLY C 40 -16.03 16.61 -25.13
CA GLY C 40 -16.52 17.39 -24.01
C GLY C 40 -16.24 16.76 -22.65
N GLY C 41 -16.94 17.22 -21.63
CA GLY C 41 -16.70 16.76 -20.27
C GLY C 41 -15.82 17.76 -19.55
N VAL C 42 -16.30 18.31 -18.43
CA VAL C 42 -15.65 19.43 -17.74
C VAL C 42 -14.14 19.25 -17.55
N GLY C 43 -13.74 18.14 -16.95
CA GLY C 43 -12.33 17.83 -16.76
C GLY C 43 -11.53 17.87 -18.06
N ARG C 44 -12.02 17.14 -19.05
CA ARG C 44 -11.35 17.04 -20.34
C ARG C 44 -11.21 18.41 -21.02
N ASN C 45 -12.31 19.18 -21.07
CA ASN C 45 -12.22 20.52 -21.64
C ASN C 45 -11.23 21.41 -20.90
N ILE C 46 -11.17 21.30 -19.57
CA ILE C 46 -10.26 22.12 -18.80
C ILE C 46 -8.82 21.74 -19.14
N ALA C 47 -8.55 20.44 -19.19
CA ALA C 47 -7.23 19.96 -19.59
C ALA C 47 -6.80 20.51 -20.95
N GLN C 48 -7.73 20.48 -21.90
CA GLN C 48 -7.45 20.97 -23.25
C GLN C 48 -7.16 22.46 -23.27
N ASN C 49 -7.97 23.25 -22.57
CA ASN C 49 -7.72 24.68 -22.50
C ASN C 49 -6.38 24.98 -21.83
N LEU C 50 -5.98 24.14 -20.88
CA LEU C 50 -4.71 24.32 -20.20
C LEU C 50 -3.57 24.06 -21.19
N ALA C 51 -3.72 23.02 -22.00
CA ALA C 51 -2.71 22.71 -22.99
C ALA C 51 -2.60 23.83 -24.04
N LEU C 52 -3.74 24.38 -24.44
CA LEU C 52 -3.76 25.52 -25.36
C LEU C 52 -3.25 26.79 -24.67
N LEU C 53 -3.15 26.77 -23.35
CA LEU C 53 -2.59 27.89 -22.60
C LEU C 53 -1.10 27.64 -22.37
N GLY C 54 -0.63 26.45 -22.73
CA GLY C 54 0.80 26.20 -22.76
C GLY C 54 1.30 25.32 -21.63
N ASN C 55 0.42 24.95 -20.72
CA ASN C 55 0.83 24.11 -19.60
C ASN C 55 0.89 22.66 -20.07
N LYS C 56 1.64 21.84 -19.35
CA LYS C 56 1.71 20.44 -19.72
C LYS C 56 0.69 19.72 -18.86
N ALA C 57 -0.40 19.29 -19.48
CA ALA C 57 -1.56 18.89 -18.72
C ALA C 57 -1.83 17.39 -18.81
N TRP C 58 -1.94 16.76 -17.64
CA TRP C 58 -2.27 15.34 -17.57
C TRP C 58 -3.73 15.13 -17.18
N LEU C 59 -4.40 14.30 -17.98
CA LEU C 59 -5.80 14.03 -17.75
C LEU C 59 -5.97 12.69 -17.06
N LEU C 60 -6.65 12.71 -15.93
CA LEU C 60 -6.99 11.48 -15.22
C LEU C 60 -8.51 11.32 -15.28
N SER C 61 -8.96 10.60 -16.30
CA SER C 61 -10.39 10.42 -16.53
C SER C 61 -10.70 8.96 -16.79
N ALA C 62 -11.91 8.70 -17.28
CA ALA C 62 -12.34 7.34 -17.56
C ALA C 62 -13.12 7.31 -18.87
N VAL C 63 -12.68 6.48 -19.82
CA VAL C 63 -13.46 6.21 -21.03
C VAL C 63 -13.65 4.71 -21.16
N GLY C 64 -14.56 4.29 -22.04
CA GLY C 64 -14.92 2.88 -22.13
C GLY C 64 -14.03 2.06 -23.03
N SER C 65 -14.23 0.75 -23.01
CA SER C 65 -13.48 -0.18 -23.86
C SER C 65 -13.86 -0.07 -25.33
N ASP C 66 -14.91 0.68 -25.61
CA ASP C 66 -15.35 0.93 -26.98
C ASP C 66 -14.29 1.72 -27.77
N PHE C 67 -14.54 1.86 -29.06
CA PHE C 67 -13.59 2.49 -29.97
C PHE C 67 -13.70 4.02 -29.93
N TYR C 68 -14.90 4.49 -29.62
CA TYR C 68 -15.19 5.91 -29.59
C TYR C 68 -14.54 6.57 -28.39
N GLY C 69 -14.29 5.77 -27.36
CA GLY C 69 -13.51 6.22 -26.22
C GLY C 69 -12.11 6.56 -26.68
N GLN C 70 -11.53 5.66 -27.47
CA GLN C 70 -10.15 5.85 -27.90
C GLN C 70 -10.12 7.01 -28.88
N SER C 71 -11.23 7.29 -29.55
CA SER C 71 -11.19 8.45 -30.45
C SER C 71 -11.26 9.74 -29.64
N LEU C 72 -11.97 9.69 -28.52
CA LEU C 72 -11.99 10.83 -27.61
C LEU C 72 -10.58 11.09 -27.06
N LEU C 73 -9.96 10.05 -26.52
CA LEU C 73 -8.57 10.13 -26.04
C LEU C 73 -7.60 10.66 -27.10
N THR C 74 -7.65 10.11 -28.30
CA THR C 74 -6.72 10.49 -29.37
C THR C 74 -6.89 11.95 -29.80
N GLN C 75 -8.15 12.38 -29.99
CA GLN C 75 -8.42 13.77 -30.35
C GLN C 75 -7.87 14.70 -29.26
N THR C 76 -8.10 14.28 -28.01
CA THR C 76 -7.68 15.07 -26.86
C THR C 76 -6.16 15.17 -26.82
N ASN C 77 -5.49 14.04 -27.08
CA ASN C 77 -4.03 13.99 -27.10
C ASN C 77 -3.45 14.87 -28.18
N GLN C 78 -4.09 14.90 -29.34
CA GLN C 78 -3.55 15.70 -30.41
C GLN C 78 -3.91 17.16 -30.20
N SER C 79 -4.74 17.43 -29.18
CA SER C 79 -4.95 18.82 -28.78
C SER C 79 -3.83 19.29 -27.84
N GLY C 80 -3.00 18.35 -27.40
CA GLY C 80 -1.85 18.69 -26.59
C GLY C 80 -1.88 18.09 -25.19
N VAL C 81 -2.89 17.28 -24.91
CA VAL C 81 -3.09 16.72 -23.57
C VAL C 81 -2.47 15.33 -23.42
N TYR C 82 -1.88 15.07 -22.26
CA TYR C 82 -1.28 13.77 -21.99
C TYR C 82 -2.34 12.84 -21.39
N VAL C 83 -2.81 11.90 -22.21
CA VAL C 83 -3.94 11.05 -21.81
C VAL C 83 -3.53 9.63 -21.46
N ASP C 84 -2.23 9.40 -21.22
CA ASP C 84 -1.73 8.04 -21.13
C ASP C 84 -1.93 7.42 -19.74
N LYS C 85 -2.64 8.13 -18.86
CA LYS C 85 -3.12 7.54 -17.61
C LYS C 85 -4.64 7.56 -17.53
N CYS C 86 -5.30 8.06 -18.57
CA CYS C 86 -6.76 8.01 -18.60
C CYS C 86 -7.16 6.55 -18.59
N LEU C 87 -8.20 6.24 -17.84
CA LEU C 87 -8.59 4.85 -17.68
C LEU C 87 -9.49 4.37 -18.82
N ILE C 88 -9.13 3.23 -19.41
CA ILE C 88 -10.02 2.57 -20.35
C ILE C 88 -10.70 1.43 -19.59
N VAL C 89 -12.00 1.55 -19.39
CA VAL C 89 -12.73 0.57 -18.59
C VAL C 89 -13.35 -0.45 -19.53
N PRO C 90 -13.07 -1.74 -19.29
CA PRO C 90 -13.62 -2.83 -20.08
C PRO C 90 -15.13 -2.97 -19.91
N GLY C 91 -15.81 -3.38 -20.98
CA GLY C 91 -17.21 -3.75 -20.91
C GLY C 91 -18.24 -2.64 -20.96
N GLU C 92 -17.97 -1.48 -20.39
CA GLU C 92 -18.99 -0.44 -20.33
C GLU C 92 -18.68 0.71 -21.30
N ASN C 93 -19.65 1.58 -21.51
CA ASN C 93 -19.55 2.53 -22.61
C ASN C 93 -19.09 3.92 -22.21
N THR C 94 -18.39 4.56 -23.14
CA THR C 94 -17.86 5.90 -22.95
C THR C 94 -19.02 6.87 -22.73
N SER C 95 -18.90 7.72 -21.73
CA SER C 95 -19.97 8.63 -21.33
C SER C 95 -20.21 9.69 -22.40
N SER C 96 -21.39 10.32 -22.33
CA SER C 96 -21.79 11.24 -23.39
C SER C 96 -22.87 12.24 -22.98
N TYR C 97 -22.94 13.33 -23.74
CA TYR C 97 -23.94 14.38 -23.54
C TYR C 97 -24.69 14.59 -24.84
N LEU C 98 -25.86 13.96 -24.93
CA LEU C 98 -26.74 14.08 -26.10
C LEU C 98 -27.52 15.37 -25.99
N SER C 99 -27.67 16.08 -27.11
CA SER C 99 -28.31 17.37 -27.08
C SER C 99 -29.09 17.62 -28.37
N LEU C 100 -30.42 17.65 -28.21
CA LEU C 100 -31.36 17.95 -29.28
C LEU C 100 -31.66 19.44 -29.30
N LEU C 101 -31.36 20.07 -30.44
CA LEU C 101 -31.57 21.49 -30.65
C LEU C 101 -32.56 21.74 -31.79
N ASP C 102 -32.66 23.01 -32.16
CA ASP C 102 -33.37 23.45 -33.36
C ASP C 102 -32.67 24.71 -33.82
N ASN C 103 -32.93 25.18 -35.04
CA ASN C 103 -32.39 26.48 -35.44
C ASN C 103 -32.94 27.56 -34.50
N GLU C 106 -29.38 26.31 -29.52
CA GLU C 106 -30.66 26.67 -28.91
C GLU C 106 -31.44 25.39 -28.62
N MET C 107 -31.32 24.96 -27.36
CA MET C 107 -31.81 23.67 -26.85
C MET C 107 -33.32 23.41 -26.83
N LEU C 108 -33.71 22.19 -27.20
CA LEU C 108 -35.01 21.62 -26.86
C LEU C 108 -34.86 20.62 -25.73
N VAL C 109 -33.88 19.73 -25.82
CA VAL C 109 -33.73 18.74 -24.76
C VAL C 109 -32.33 18.14 -24.73
N ALA C 110 -31.98 17.46 -23.64
CA ALA C 110 -30.65 16.90 -23.49
C ALA C 110 -30.68 15.67 -22.60
N ILE C 111 -29.77 14.73 -22.88
CA ILE C 111 -29.63 13.51 -22.10
C ILE C 111 -28.18 13.44 -21.66
N ASN C 112 -27.91 13.03 -20.43
CA ASN C 112 -26.52 12.77 -20.05
C ASN C 112 -26.35 11.35 -19.53
N ASP C 113 -25.34 10.67 -20.05
CA ASP C 113 -25.00 9.32 -19.63
C ASP C 113 -23.58 9.36 -19.09
N MET C 114 -23.42 9.46 -17.77
CA MET C 114 -22.11 9.73 -17.17
C MET C 114 -21.75 8.83 -15.99
N ASN C 115 -21.98 7.53 -16.11
CA ASN C 115 -21.83 6.65 -14.95
C ASN C 115 -20.41 6.09 -14.84
N ILE C 116 -19.67 6.16 -15.94
CA ILE C 116 -18.28 5.72 -15.92
C ILE C 116 -17.42 6.66 -15.10
N SER C 117 -17.98 7.81 -14.75
CA SER C 117 -17.31 8.72 -13.83
C SER C 117 -17.13 8.06 -12.48
N ASN C 118 -18.01 7.13 -12.14
CA ASN C 118 -17.89 6.41 -10.89
C ASN C 118 -16.76 5.37 -10.95
N ALA C 119 -16.20 5.19 -12.14
CA ALA C 119 -15.04 4.32 -12.29
C ALA C 119 -13.75 5.07 -11.97
N ILE C 120 -13.81 6.40 -12.02
CA ILE C 120 -12.69 7.22 -11.58
C ILE C 120 -12.61 7.10 -10.06
N THR C 121 -12.04 6.00 -9.59
CA THR C 121 -12.09 5.64 -8.18
C THR C 121 -10.93 6.16 -7.33
N ALA C 122 -11.00 5.87 -6.04
CA ALA C 122 -9.92 6.20 -5.12
C ALA C 122 -8.74 5.30 -5.42
N GLU C 123 -9.04 4.06 -5.77
CA GLU C 123 -8.04 3.07 -6.16
C GLU C 123 -7.23 3.56 -7.36
N TYR C 124 -7.96 4.01 -8.36
CA TYR C 124 -7.38 4.50 -9.61
C TYR C 124 -6.40 5.65 -9.37
N LEU C 125 -6.85 6.66 -8.63
CA LEU C 125 -6.02 7.83 -8.34
C LEU C 125 -4.85 7.43 -7.42
N ALA C 126 -5.11 6.47 -6.55
CA ALA C 126 -4.10 5.96 -5.63
C ALA C 126 -2.96 5.29 -6.38
N GLN C 127 -3.25 4.73 -7.55
CA GLN C 127 -2.18 4.14 -8.36
C GLN C 127 -1.36 5.23 -9.04
N HIS C 128 -1.76 6.48 -8.87
CA HIS C 128 -0.97 7.60 -9.37
C HIS C 128 -0.71 8.62 -8.29
N ARG C 129 -0.78 8.19 -7.03
CA ARG C 129 -0.51 9.07 -5.88
C ARG C 129 0.70 9.99 -6.04
N GLU C 130 1.90 9.43 -6.16
CA GLU C 130 3.12 10.23 -6.31
C GLU C 130 3.03 11.25 -7.45
N PHE C 131 2.61 10.77 -8.61
CA PHE C 131 2.53 11.61 -9.80
C PHE C 131 1.59 12.79 -9.55
N ILE C 132 0.48 12.52 -8.91
CA ILE C 132 -0.51 13.56 -8.59
C ILE C 132 0.10 14.55 -7.60
N GLN C 133 0.82 14.01 -6.62
CA GLN C 133 1.39 14.81 -5.55
C GLN C 133 2.60 15.60 -6.02
N ARG C 134 2.99 15.43 -7.28
CA ARG C 134 4.12 16.22 -7.78
C ARG C 134 3.74 17.19 -8.90
N ALA C 135 2.46 17.56 -8.94
CA ALA C 135 2.00 18.54 -9.92
C ALA C 135 2.08 19.94 -9.31
N LYS C 136 2.15 20.96 -10.15
CA LYS C 136 2.11 22.34 -9.66
C LYS C 136 0.70 22.67 -9.18
N VAL C 137 -0.30 22.02 -9.77
CA VAL C 137 -1.71 22.24 -9.46
C VAL C 137 -2.57 21.04 -9.87
N ILE C 138 -3.56 20.74 -9.03
CA ILE C 138 -4.55 19.72 -9.34
C ILE C 138 -5.90 20.36 -9.59
N VAL C 139 -6.55 20.03 -10.70
CA VAL C 139 -7.90 20.53 -10.97
C VAL C 139 -8.90 19.39 -11.02
N ALA C 140 -9.93 19.49 -10.20
CA ALA C 140 -10.92 18.42 -10.09
C ALA C 140 -12.30 18.98 -10.41
N ASP C 141 -13.15 18.17 -11.04
CA ASP C 141 -14.53 18.59 -11.24
C ASP C 141 -15.43 17.73 -10.36
N CYS C 142 -16.66 18.16 -10.14
CA CYS C 142 -17.53 17.45 -9.22
C CYS C 142 -18.41 16.43 -9.92
N ASN C 143 -18.04 16.06 -11.14
CA ASN C 143 -18.63 14.92 -11.82
C ASN C 143 -18.19 13.63 -11.17
N ILE C 144 -17.04 13.66 -10.50
CA ILE C 144 -16.51 12.45 -9.89
C ILE C 144 -17.26 12.16 -8.61
N SER C 145 -17.04 10.99 -8.04
CA SER C 145 -17.76 10.57 -6.85
C SER C 145 -17.30 11.36 -5.62
N GLU C 146 -18.10 11.31 -4.55
CA GLU C 146 -17.72 12.00 -3.32
C GLU C 146 -16.48 11.34 -2.72
N GLU C 147 -16.40 10.03 -2.85
CA GLU C 147 -15.25 9.29 -2.33
C GLU C 147 -13.98 9.70 -3.06
N ALA C 148 -14.12 9.93 -4.37
CA ALA C 148 -12.94 10.25 -5.17
C ALA C 148 -12.46 11.66 -4.89
N LEU C 149 -13.42 12.59 -4.77
CA LEU C 149 -13.08 13.98 -4.46
C LEU C 149 -12.48 14.06 -3.07
N ALA C 150 -13.04 13.27 -2.14
CA ALA C 150 -12.51 13.23 -0.78
C ALA C 150 -11.09 12.68 -0.80
N TRP C 151 -10.85 11.70 -1.66
CA TRP C 151 -9.49 11.16 -1.74
C TRP C 151 -8.51 12.18 -2.29
N ILE C 152 -8.92 12.92 -3.31
CA ILE C 152 -8.03 13.93 -3.89
C ILE C 152 -7.70 14.99 -2.84
N LEU C 153 -8.72 15.48 -2.15
CA LEU C 153 -8.54 16.54 -1.16
C LEU C 153 -7.76 16.05 0.07
N ASP C 154 -7.87 14.75 0.38
CA ASP C 154 -7.19 14.17 1.54
C ASP C 154 -5.74 13.79 1.22
N ASN C 155 -5.40 13.70 -0.06
CA ASN C 155 -4.06 13.27 -0.45
C ASN C 155 -3.40 14.22 -1.44
N ALA C 156 -3.61 15.52 -1.28
CA ALA C 156 -3.07 16.50 -2.22
C ALA C 156 -1.66 16.91 -1.84
N ALA C 157 -1.28 16.60 -0.59
CA ALA C 157 0.07 16.87 -0.10
C ALA C 157 0.46 18.31 -0.34
N ASN C 158 -0.43 19.23 0.05
CA ASN C 158 -0.22 20.66 -0.05
C ASN C 158 -0.06 21.15 -1.49
N VAL C 159 -0.49 20.34 -2.45
CA VAL C 159 -0.68 20.81 -3.81
C VAL C 159 -2.06 21.43 -3.89
N PRO C 160 -2.12 22.70 -4.34
CA PRO C 160 -3.41 23.40 -4.45
C PRO C 160 -4.43 22.64 -5.29
N VAL C 161 -5.63 22.44 -4.75
CA VAL C 161 -6.71 21.83 -5.54
C VAL C 161 -7.72 22.89 -5.96
N PHE C 162 -7.82 23.09 -7.28
CA PHE C 162 -8.85 23.93 -7.90
C PHE C 162 -10.07 23.09 -8.22
N VAL C 163 -11.23 23.45 -7.68
CA VAL C 163 -12.43 22.63 -7.89
C VAL C 163 -13.52 23.34 -8.70
N ASP C 164 -13.94 22.67 -9.78
CA ASP C 164 -15.10 23.10 -10.57
C ASP C 164 -16.34 22.36 -10.08
N PRO C 165 -17.32 23.13 -9.58
CA PRO C 165 -18.54 22.63 -8.93
C PRO C 165 -19.52 21.97 -9.92
N VAL C 166 -19.35 22.27 -11.20
CA VAL C 166 -20.13 21.69 -12.31
C VAL C 166 -21.60 22.12 -12.33
N SER C 167 -22.39 21.63 -11.37
CA SER C 167 -23.81 21.91 -11.34
C SER C 167 -24.35 22.14 -9.94
N ALA C 168 -25.58 22.63 -9.87
CA ALA C 168 -26.24 22.84 -8.58
C ALA C 168 -26.44 21.51 -7.88
N TRP C 169 -26.60 20.46 -8.66
CA TRP C 169 -26.85 19.13 -8.12
C TRP C 169 -25.55 18.47 -7.65
N LYS C 170 -24.46 18.73 -8.38
CA LYS C 170 -23.20 18.06 -8.16
C LYS C 170 -22.25 18.85 -7.26
N CYS C 171 -22.56 20.11 -7.01
CA CYS C 171 -21.68 20.97 -6.22
C CYS C 171 -21.69 20.59 -4.75
N VAL C 172 -22.78 19.98 -4.29
CA VAL C 172 -23.00 19.81 -2.85
C VAL C 172 -21.89 19.02 -2.15
N LYS C 173 -21.22 18.14 -2.88
CA LYS C 173 -20.20 17.28 -2.29
C LYS C 173 -18.98 18.10 -1.84
N VAL C 174 -19.02 19.39 -2.13
CA VAL C 174 -17.95 20.30 -1.81
C VAL C 174 -18.16 20.99 -0.46
N ARG C 175 -19.42 21.02 0.00
CA ARG C 175 -19.81 21.81 1.18
C ARG C 175 -18.99 21.52 2.43
N ASP C 176 -18.79 20.24 2.74
CA ASP C 176 -18.07 19.85 3.94
C ASP C 176 -16.55 19.79 3.79
N ARG C 177 -16.03 20.24 2.64
CA ARG C 177 -14.59 20.06 2.39
C ARG C 177 -13.98 21.33 1.82
N LEU C 178 -14.67 22.45 2.07
CA LEU C 178 -14.21 23.74 1.59
C LEU C 178 -12.85 24.12 2.18
N ASN C 179 -12.49 23.52 3.31
CA ASN C 179 -11.21 23.82 3.96
C ASN C 179 -10.05 23.11 3.29
N GLN C 180 -10.36 22.21 2.36
CA GLN C 180 -9.32 21.48 1.64
C GLN C 180 -9.17 21.97 0.20
N ILE C 181 -9.88 23.06 -0.12
CA ILE C 181 -9.91 23.54 -1.50
C ILE C 181 -9.28 24.91 -1.63
N HIS C 182 -8.32 25.05 -2.54
CA HIS C 182 -7.61 26.31 -2.75
C HIS C 182 -8.50 27.35 -3.41
N THR C 183 -9.14 26.94 -4.49
CA THR C 183 -9.98 27.84 -5.28
C THR C 183 -11.24 27.14 -5.77
N LEU C 184 -12.40 27.73 -5.46
CA LEU C 184 -13.70 27.24 -5.95
C LEU C 184 -14.32 28.24 -6.88
N LYS C 185 -14.87 27.76 -7.99
CA LYS C 185 -15.51 28.64 -8.98
C LYS C 185 -16.98 28.29 -9.21
N PRO C 186 -17.85 28.72 -8.28
CA PRO C 186 -19.27 28.41 -8.48
C PRO C 186 -20.00 29.51 -9.24
N ASN C 187 -21.15 29.17 -9.83
CA ASN C 187 -22.02 30.19 -10.37
C ASN C 187 -22.96 30.64 -9.27
N ARG C 188 -23.88 31.54 -9.59
CA ARG C 188 -24.86 32.01 -8.61
C ARG C 188 -25.62 30.89 -7.93
N LEU C 189 -26.22 30.03 -8.76
CA LEU C 189 -27.08 28.98 -8.26
C LEU C 189 -26.29 28.02 -7.36
N GLU C 190 -25.06 27.72 -7.76
CA GLU C 190 -24.21 26.82 -7.00
C GLU C 190 -23.82 27.42 -5.65
N ALA C 191 -23.52 28.71 -5.65
CA ALA C 191 -23.18 29.41 -4.42
C ALA C 191 -24.36 29.45 -3.46
N GLU C 192 -25.54 29.67 -4.02
CA GLU C 192 -26.78 29.66 -3.23
C GLU C 192 -27.00 28.28 -2.63
N THR C 193 -26.79 27.25 -3.45
CA THR C 193 -27.03 25.88 -3.06
C THR C 193 -26.07 25.43 -1.96
N LEU C 194 -24.85 25.91 -2.03
CA LEU C 194 -23.83 25.57 -1.05
C LEU C 194 -24.04 26.32 0.27
N SER C 195 -24.21 27.63 0.18
CA SER C 195 -24.26 28.46 1.38
C SER C 195 -25.62 28.34 2.09
N GLY C 196 -26.69 28.15 1.32
CA GLY C 196 -28.03 28.17 1.90
C GLY C 196 -28.48 29.61 2.07
N ILE C 197 -27.79 30.50 1.38
CA ILE C 197 -28.10 31.93 1.44
C ILE C 197 -28.54 32.39 0.06
N ALA C 198 -29.63 33.15 0.00
CA ALA C 198 -30.17 33.57 -1.29
C ALA C 198 -29.31 34.67 -1.89
N LEU C 199 -29.04 34.54 -3.19
CA LEU C 199 -28.32 35.55 -3.93
C LEU C 199 -29.31 36.39 -4.75
N SER C 200 -30.18 37.12 -4.05
CA SER C 200 -31.19 37.94 -4.70
C SER C 200 -30.51 39.01 -5.56
N GLY C 201 -29.43 39.60 -5.05
CA GLY C 201 -28.74 40.63 -5.79
C GLY C 201 -27.26 40.74 -5.48
N ARG C 202 -26.62 41.73 -6.11
CA ARG C 202 -25.19 41.98 -5.92
C ARG C 202 -24.97 42.57 -4.52
N ASP C 203 -26.08 42.85 -3.85
CA ASP C 203 -26.10 43.29 -2.47
C ASP C 203 -25.61 42.17 -1.54
N ASP C 204 -25.82 40.91 -1.93
CA ASP C 204 -25.59 39.78 -1.03
C ASP C 204 -24.32 38.95 -1.27
N VAL C 205 -23.44 39.38 -2.17
CA VAL C 205 -22.24 38.60 -2.45
C VAL C 205 -21.34 38.51 -1.21
N ALA C 206 -21.33 39.58 -0.41
CA ALA C 206 -20.54 39.63 0.80
C ALA C 206 -20.94 38.57 1.82
N LYS C 207 -22.23 38.44 2.10
CA LYS C 207 -22.71 37.48 3.10
C LYS C 207 -22.40 36.05 2.63
N VAL C 208 -22.51 35.82 1.32
CA VAL C 208 -22.23 34.50 0.75
C VAL C 208 -20.74 34.16 0.85
N ALA C 209 -19.91 35.10 0.43
CA ALA C 209 -18.46 34.94 0.48
C ALA C 209 -17.98 34.75 1.90
N ALA C 210 -18.57 35.52 2.82
CA ALA C 210 -18.23 35.43 4.23
C ALA C 210 -18.61 34.05 4.75
N TRP C 211 -19.73 33.52 4.26
CA TRP C 211 -20.12 32.18 4.66
C TRP C 211 -19.10 31.16 4.20
N PHE C 212 -18.64 31.31 2.95
CA PHE C 212 -17.65 30.40 2.38
C PHE C 212 -16.33 30.45 3.16
N HIS C 213 -15.91 31.66 3.51
CA HIS C 213 -14.65 31.84 4.23
C HIS C 213 -14.74 31.32 5.66
N GLN C 214 -15.89 31.46 6.31
CA GLN C 214 -16.00 30.93 7.67
C GLN C 214 -16.09 29.40 7.63
N HIS C 215 -16.39 28.86 6.46
CA HIS C 215 -16.41 27.42 6.33
C HIS C 215 -15.08 26.93 5.74
N GLY C 216 -14.13 27.85 5.61
CA GLY C 216 -12.76 27.48 5.35
C GLY C 216 -12.28 27.57 3.92
N LEU C 217 -13.07 28.18 3.04
CA LEU C 217 -12.65 28.34 1.66
C LEU C 217 -11.59 29.42 1.53
N ASN C 218 -10.45 29.03 0.97
CA ASN C 218 -9.33 29.92 0.71
C ASN C 218 -9.69 31.02 -0.30
N ARG C 219 -10.12 30.60 -1.50
CA ARG C 219 -10.48 31.56 -2.53
C ARG C 219 -11.81 31.25 -3.21
N LEU C 220 -12.60 32.29 -3.41
CA LEU C 220 -13.88 32.18 -4.10
C LEU C 220 -13.86 32.98 -5.38
N VAL C 221 -14.13 32.31 -6.48
CA VAL C 221 -14.37 32.98 -7.77
C VAL C 221 -15.82 32.76 -8.17
N LEU C 222 -16.63 33.78 -7.94
CA LEU C 222 -18.09 33.70 -8.07
C LEU C 222 -18.57 34.36 -9.35
N SER C 223 -19.03 33.55 -10.30
CA SER C 223 -19.58 34.09 -11.54
C SER C 223 -21.08 34.35 -11.38
N MET C 224 -21.47 35.61 -11.56
CA MET C 224 -22.86 36.03 -11.32
C MET C 224 -23.60 36.28 -12.62
N GLY C 225 -22.94 36.03 -13.73
CA GLY C 225 -23.51 36.26 -15.04
C GLY C 225 -23.21 37.66 -15.55
N GLY C 226 -24.26 38.45 -15.74
CA GLY C 226 -24.12 39.79 -16.26
C GLY C 226 -23.62 40.76 -15.20
N ASP C 227 -23.86 40.42 -13.94
CA ASP C 227 -23.37 41.22 -12.83
C ASP C 227 -21.84 41.25 -12.84
N GLY C 228 -21.25 40.14 -13.25
CA GLY C 228 -19.81 40.05 -13.38
C GLY C 228 -19.22 38.91 -12.57
N VAL C 229 -17.91 39.00 -12.29
CA VAL C 229 -17.26 38.04 -11.41
C VAL C 229 -16.84 38.67 -10.09
N TYR C 230 -17.38 38.14 -8.99
CA TYR C 230 -16.96 38.57 -7.66
C TYR C 230 -15.91 37.61 -7.09
N TYR C 231 -14.72 38.12 -6.81
CA TYR C 231 -13.65 37.30 -6.26
C TYR C 231 -13.32 37.68 -4.83
N SER C 232 -13.07 36.68 -3.99
CA SER C 232 -12.80 36.92 -2.56
C SER C 232 -11.72 36.00 -2.01
N ASP C 233 -10.75 36.59 -1.33
CA ASP C 233 -9.69 35.84 -0.66
C ASP C 233 -9.92 35.81 0.86
N ILE C 234 -9.75 34.62 1.46
CA ILE C 234 -9.95 34.46 2.89
C ILE C 234 -9.01 35.36 3.73
N ARG C 235 -8.00 35.91 3.09
CA ARG C 235 -7.10 36.86 3.75
C ARG C 235 -7.59 38.31 3.65
N GLY C 236 -8.74 38.51 3.03
CA GLY C 236 -9.39 39.82 3.07
C GLY C 236 -9.56 40.57 1.77
N GLU C 237 -8.77 40.23 0.76
CA GLU C 237 -8.92 40.88 -0.54
C GLU C 237 -10.17 40.41 -1.30
N ASN C 238 -10.98 41.37 -1.75
CA ASN C 238 -12.14 41.05 -2.57
C ASN C 238 -12.42 42.13 -3.59
N GLY C 239 -13.17 41.78 -4.63
CA GLY C 239 -13.53 42.74 -5.64
C GLY C 239 -14.44 42.22 -6.73
N TRP C 240 -14.87 43.12 -7.59
CA TRP C 240 -15.66 42.79 -8.76
C TRP C 240 -14.82 42.96 -10.02
N SER C 241 -15.13 42.16 -11.03
CA SER C 241 -14.62 42.42 -12.36
C SER C 241 -15.80 42.34 -13.32
N ALA C 242 -16.03 43.43 -14.06
CA ALA C 242 -17.16 43.54 -14.96
C ALA C 242 -16.92 42.67 -16.17
N PRO C 243 -18.00 42.13 -16.76
CA PRO C 243 -17.83 41.19 -17.87
C PRO C 243 -17.13 41.82 -19.07
N ILE C 244 -16.31 41.02 -19.76
CA ILE C 244 -15.81 41.41 -21.06
C ILE C 244 -16.95 41.21 -22.06
N LYS C 245 -17.56 42.31 -22.49
CA LYS C 245 -18.67 42.18 -23.43
C LYS C 245 -18.15 41.56 -24.70
N THR C 246 -18.91 40.58 -25.18
CA THR C 246 -18.44 39.70 -26.23
C THR C 246 -19.56 39.39 -27.19
N ASN C 247 -19.19 38.89 -28.36
CA ASN C 247 -20.14 38.39 -29.33
C ASN C 247 -20.47 36.93 -29.06
N VAL C 248 -21.50 36.69 -28.25
CA VAL C 248 -21.81 35.32 -27.81
C VAL C 248 -22.50 34.53 -28.91
N ILE C 249 -21.83 33.48 -29.38
CA ILE C 249 -22.42 32.52 -30.30
C ILE C 249 -22.86 31.28 -29.52
N ASN C 250 -21.93 30.60 -28.86
CA ASN C 250 -22.29 29.54 -27.92
C ASN C 250 -21.73 29.80 -26.51
N VAL C 251 -22.45 29.35 -25.49
CA VAL C 251 -22.05 29.62 -24.11
C VAL C 251 -21.26 28.46 -23.49
N THR C 252 -21.33 27.28 -24.11
CA THR C 252 -20.67 26.09 -23.58
C THR C 252 -19.15 26.29 -23.49
N GLY C 253 -18.52 25.73 -22.46
CA GLY C 253 -17.08 25.81 -22.34
C GLY C 253 -16.58 27.11 -21.77
N ALA C 254 -17.51 27.98 -21.36
CA ALA C 254 -17.15 29.26 -20.76
C ALA C 254 -16.43 29.04 -19.44
N GLY C 255 -17.12 28.39 -18.51
CA GLY C 255 -16.58 28.09 -17.20
C GLY C 255 -15.35 27.19 -17.26
N ASP C 256 -15.32 26.32 -18.27
CA ASP C 256 -14.19 25.41 -18.49
C ASP C 256 -12.93 26.21 -18.83
N ALA C 257 -13.14 27.23 -19.65
CA ALA C 257 -12.07 28.11 -20.07
C ALA C 257 -11.62 28.98 -18.90
N MET C 258 -12.58 29.41 -18.10
CA MET C 258 -12.27 30.24 -16.94
C MET C 258 -11.44 29.45 -15.93
N MET C 259 -11.84 28.21 -15.67
CA MET C 259 -11.10 27.37 -14.74
C MET C 259 -9.67 27.16 -15.23
N ALA C 260 -9.54 26.86 -16.51
CA ALA C 260 -8.22 26.67 -17.09
C ALA C 260 -7.37 27.92 -16.88
N GLY C 261 -7.96 29.09 -17.12
CA GLY C 261 -7.28 30.34 -16.92
C GLY C 261 -6.80 30.55 -15.49
N LEU C 262 -7.65 30.21 -14.53
CA LEU C 262 -7.31 30.39 -13.11
C LEU C 262 -6.11 29.51 -12.74
N ALA C 263 -6.21 28.22 -13.06
CA ALA C 263 -5.14 27.31 -12.69
C ALA C 263 -3.83 27.69 -13.37
N SER C 264 -3.91 28.06 -14.66
CA SER C 264 -2.73 28.41 -15.42
C SER C 264 -2.06 29.67 -14.86
N CYS C 265 -2.86 30.70 -14.63
CA CYS C 265 -2.34 31.96 -14.09
C CYS C 265 -1.72 31.76 -12.71
N TRP C 266 -2.33 30.89 -11.92
CA TRP C 266 -1.77 30.57 -10.61
C TRP C 266 -0.40 29.93 -10.78
N VAL C 267 -0.31 28.96 -11.68
CA VAL C 267 0.96 28.27 -11.91
C VAL C 267 2.02 29.24 -12.44
N ASP C 268 1.58 30.31 -13.11
CA ASP C 268 2.52 31.28 -13.67
C ASP C 268 2.90 32.40 -12.68
N GLY C 269 2.43 32.28 -11.43
CA GLY C 269 2.75 33.27 -10.43
C GLY C 269 2.00 34.59 -10.48
N MET C 270 0.90 34.63 -11.24
CA MET C 270 0.11 35.86 -11.33
C MET C 270 -0.70 36.11 -10.07
N PRO C 271 -0.90 37.39 -9.72
CA PRO C 271 -1.77 37.76 -8.61
C PRO C 271 -3.23 37.34 -8.85
N PHE C 272 -4.01 37.28 -7.78
CA PHE C 272 -5.39 36.79 -7.83
C PHE C 272 -6.29 37.54 -8.81
N ALA C 273 -6.44 38.84 -8.58
CA ALA C 273 -7.37 39.66 -9.36
C ALA C 273 -7.09 39.60 -10.87
N GLU C 274 -5.81 39.73 -11.22
CA GLU C 274 -5.39 39.77 -12.62
C GLU C 274 -5.55 38.38 -13.25
N SER C 275 -5.51 37.36 -12.40
CA SER C 275 -5.75 35.99 -12.83
C SER C 275 -7.23 35.83 -13.16
N VAL C 276 -8.07 36.54 -12.40
CA VAL C 276 -9.51 36.49 -12.62
C VAL C 276 -9.87 37.21 -13.92
N ARG C 277 -9.30 38.39 -14.13
CA ARG C 277 -9.53 39.13 -15.37
C ARG C 277 -9.08 38.30 -16.58
N PHE C 278 -7.88 37.74 -16.49
CA PHE C 278 -7.36 36.86 -17.54
C PHE C 278 -8.31 35.70 -17.80
N ALA C 279 -8.80 35.10 -16.71
CA ALA C 279 -9.71 33.97 -16.82
C ALA C 279 -11.00 34.34 -17.55
N GLN C 280 -11.51 35.53 -17.26
CA GLN C 280 -12.69 36.05 -17.94
C GLN C 280 -12.41 36.20 -19.43
N GLY C 281 -11.21 36.65 -19.76
CA GLY C 281 -10.81 36.76 -21.15
C GLY C 281 -10.86 35.40 -21.83
N CYS C 282 -10.32 34.40 -21.15
CA CYS C 282 -10.40 33.02 -21.64
C CYS C 282 -11.84 32.58 -21.90
N SER C 283 -12.71 32.81 -20.92
CA SER C 283 -14.08 32.34 -21.04
C SER C 283 -14.77 33.04 -22.19
N SER C 284 -14.38 34.29 -22.43
CA SER C 284 -14.89 35.08 -23.54
C SER C 284 -14.48 34.46 -24.86
N MET C 285 -13.20 34.10 -24.98
CA MET C 285 -12.72 33.39 -26.16
C MET C 285 -13.56 32.14 -26.40
N ALA C 286 -13.91 31.46 -25.32
CA ALA C 286 -14.76 30.28 -25.46
C ALA C 286 -16.15 30.66 -25.93
N LEU C 287 -16.67 31.80 -25.45
CA LEU C 287 -18.02 32.25 -25.79
C LEU C 287 -18.14 32.58 -27.27
N SER C 288 -17.01 32.91 -27.90
CA SER C 288 -17.02 33.36 -29.28
C SER C 288 -16.56 32.26 -30.23
N CYS C 289 -16.69 31.00 -29.80
CA CYS C 289 -16.34 29.86 -30.63
C CYS C 289 -17.48 28.85 -30.65
N GLU C 290 -17.89 28.43 -31.84
CA GLU C 290 -19.01 27.50 -31.98
C GLU C 290 -18.71 26.14 -31.32
N TYR C 291 -17.43 25.88 -31.09
CA TYR C 291 -16.94 24.63 -30.53
C TYR C 291 -16.82 24.73 -29.01
N THR C 292 -16.73 23.60 -28.34
CA THR C 292 -16.68 23.57 -26.87
C THR C 292 -15.36 24.14 -26.34
N ASN C 293 -14.28 23.88 -27.07
CA ASN C 293 -12.98 24.48 -26.77
C ASN C 293 -12.52 25.29 -27.98
N ASN C 294 -11.94 26.47 -27.72
CA ASN C 294 -11.40 27.29 -28.81
C ASN C 294 -9.93 27.00 -29.04
N PRO C 295 -9.59 26.47 -30.23
CA PRO C 295 -8.20 26.19 -30.61
C PRO C 295 -7.38 27.44 -30.93
N ASP C 296 -8.01 28.61 -30.85
CA ASP C 296 -7.25 29.86 -30.93
C ASP C 296 -7.22 30.56 -29.58
N LEU C 297 -7.48 29.80 -28.52
CA LEU C 297 -7.24 30.28 -27.16
C LEU C 297 -5.76 30.24 -26.92
N SER C 298 -5.20 31.39 -26.57
CA SER C 298 -3.76 31.52 -26.39
C SER C 298 -3.48 32.60 -25.36
N ILE C 299 -2.35 32.49 -24.66
CA ILE C 299 -1.91 33.53 -23.76
C ILE C 299 -1.89 34.84 -24.53
N ALA C 300 -1.38 34.78 -25.75
CA ALA C 300 -1.29 35.93 -26.64
C ALA C 300 -2.65 36.57 -26.92
N ASN C 301 -3.63 35.81 -27.39
CA ASN C 301 -4.79 36.52 -27.88
C ASN C 301 -5.75 36.76 -26.74
N VAL C 302 -5.53 36.09 -25.63
CA VAL C 302 -6.27 36.39 -24.44
C VAL C 302 -5.78 37.71 -23.91
N ILE C 303 -4.46 37.89 -23.88
CA ILE C 303 -3.90 39.16 -23.42
C ILE C 303 -4.31 40.30 -24.35
N SER C 304 -4.50 40.01 -25.64
CA SER C 304 -5.03 41.06 -26.52
C SER C 304 -6.52 41.30 -26.29
N LEU C 305 -7.25 40.25 -25.91
CA LEU C 305 -8.67 40.39 -25.54
C LEU C 305 -8.84 41.14 -24.22
N VAL C 306 -7.81 41.13 -23.39
CA VAL C 306 -7.85 41.77 -22.08
C VAL C 306 -7.34 43.20 -22.11
N GLU C 307 -6.28 43.43 -22.89
CA GLU C 307 -5.71 44.77 -23.00
C GLU C 307 -6.61 45.67 -23.82
N ASN C 308 -7.53 45.06 -24.56
CA ASN C 308 -8.49 45.80 -25.35
C ASN C 308 -9.64 46.29 -24.45
N ALA C 309 -9.50 46.07 -23.15
CA ALA C 309 -10.41 46.66 -22.17
C ALA C 309 -10.27 48.17 -22.16
N LYS D 4 -9.82 -16.61 -53.56
CA LYS D 4 -9.77 -15.16 -53.67
C LYS D 4 -11.07 -14.60 -54.23
N ASP D 5 -12.19 -15.16 -53.80
CA ASP D 5 -13.50 -14.59 -54.12
C ASP D 5 -13.85 -13.55 -53.07
N TYR D 6 -14.21 -12.35 -53.51
CA TYR D 6 -14.61 -11.31 -52.59
C TYR D 6 -15.92 -10.66 -53.02
N VAL D 7 -16.58 -10.02 -52.06
CA VAL D 7 -17.85 -9.36 -52.29
C VAL D 7 -17.65 -7.87 -52.07
N VAL D 8 -18.28 -7.03 -52.90
CA VAL D 8 -18.13 -5.58 -52.73
C VAL D 8 -19.45 -4.92 -52.34
N ILE D 9 -19.42 -4.13 -51.28
CA ILE D 9 -20.59 -3.40 -50.81
C ILE D 9 -20.35 -1.90 -50.94
N ILE D 10 -21.21 -1.22 -51.69
CA ILE D 10 -21.11 0.21 -51.87
C ILE D 10 -22.32 0.90 -51.24
N GLY D 11 -22.12 1.51 -50.09
CA GLY D 11 -23.20 2.10 -49.33
C GLY D 11 -22.69 3.08 -48.30
N SER D 12 -23.55 3.44 -47.36
CA SER D 12 -23.20 4.49 -46.41
C SER D 12 -22.74 3.88 -45.09
N ALA D 13 -21.79 4.57 -44.44
CA ALA D 13 -21.29 4.18 -43.12
C ALA D 13 -21.68 5.24 -42.11
N ASN D 14 -22.49 4.86 -41.13
CA ASN D 14 -22.97 5.82 -40.14
C ASN D 14 -22.63 5.41 -38.70
N ILE D 15 -22.75 6.38 -37.80
CA ILE D 15 -22.80 6.11 -36.37
C ILE D 15 -24.22 6.38 -35.88
N ASP D 16 -24.88 5.34 -35.37
CA ASP D 16 -26.19 5.49 -34.78
C ASP D 16 -26.00 5.88 -33.32
N VAL D 17 -26.63 6.97 -32.91
CA VAL D 17 -26.58 7.36 -31.50
C VAL D 17 -27.97 7.26 -30.92
N ALA D 18 -28.14 6.44 -29.87
CA ALA D 18 -29.46 6.27 -29.27
C ALA D 18 -29.45 6.72 -27.82
N GLY D 19 -30.39 7.57 -27.45
CA GLY D 19 -30.47 8.03 -26.08
C GLY D 19 -31.87 7.90 -25.49
N TYR D 20 -31.96 7.41 -24.25
CA TYR D 20 -33.25 7.43 -23.54
C TYR D 20 -33.12 7.82 -22.07
N SER D 21 -34.26 8.13 -21.45
CA SER D 21 -34.31 8.65 -20.07
C SER D 21 -34.60 7.61 -18.98
N HIS D 22 -35.01 8.12 -17.82
CA HIS D 22 -35.32 7.31 -16.65
C HIS D 22 -36.50 7.89 -15.91
N LEU D 25 -39.07 12.33 -17.84
CA LEU D 25 -38.36 13.10 -18.85
C LEU D 25 -39.15 14.34 -19.19
N ASN D 26 -38.59 15.53 -18.92
CA ASN D 26 -39.14 16.70 -19.57
C ASN D 26 -38.10 17.77 -19.87
N TYR D 27 -38.55 18.75 -20.63
CA TYR D 27 -37.73 19.51 -21.57
C TYR D 27 -36.99 20.71 -21.00
N ALA D 28 -36.03 21.19 -21.78
CA ALA D 28 -35.08 22.22 -21.36
C ALA D 28 -34.42 21.71 -20.09
N ASP D 29 -33.89 20.50 -20.16
CA ASP D 29 -33.17 19.92 -19.04
C ASP D 29 -32.16 18.87 -19.47
N SER D 30 -30.93 19.00 -18.97
CA SER D 30 -29.93 17.97 -19.16
C SER D 30 -30.42 16.78 -18.35
N ASN D 31 -31.15 15.89 -19.01
CA ASN D 31 -31.83 14.79 -18.34
C ASN D 31 -31.02 13.50 -18.29
N PRO D 32 -30.72 13.02 -17.08
CA PRO D 32 -30.01 11.76 -16.83
C PRO D 32 -30.64 10.57 -17.56
N GLY D 33 -29.80 9.73 -18.16
CA GLY D 33 -30.28 8.58 -18.90
C GLY D 33 -29.19 7.65 -19.37
N LYS D 34 -29.41 7.06 -20.54
CA LYS D 34 -28.47 6.11 -21.13
C LYS D 34 -28.30 6.35 -22.63
N ILE D 35 -27.04 6.41 -23.06
CA ILE D 35 -26.69 6.64 -24.45
C ILE D 35 -25.80 5.53 -25.01
N LYS D 36 -26.11 5.05 -26.22
CA LYS D 36 -25.30 4.04 -26.88
C LYS D 36 -24.91 4.46 -28.29
N PHE D 37 -23.63 4.32 -28.60
CA PHE D 37 -23.12 4.49 -29.95
C PHE D 37 -23.04 3.13 -30.60
N THR D 38 -23.87 2.87 -31.60
CA THR D 38 -23.76 1.63 -32.34
C THR D 38 -23.26 1.97 -33.74
N PRO D 39 -22.51 1.06 -34.36
CA PRO D 39 -22.15 1.31 -35.76
C PRO D 39 -23.32 0.99 -36.67
N GLY D 40 -23.54 1.82 -37.68
CA GLY D 40 -24.69 1.64 -38.56
C GLY D 40 -24.48 2.06 -40.00
N GLY D 41 -25.58 2.24 -40.71
CA GLY D 41 -25.54 2.54 -42.13
C GLY D 41 -25.77 1.30 -42.96
N VAL D 42 -26.79 1.33 -43.82
CA VAL D 42 -27.22 0.14 -44.58
C VAL D 42 -26.07 -0.62 -45.23
N GLY D 43 -25.26 0.08 -46.04
CA GLY D 43 -24.11 -0.52 -46.67
C GLY D 43 -23.15 -1.17 -45.69
N ARG D 44 -22.74 -0.39 -44.70
CA ARG D 44 -21.77 -0.83 -43.70
C ARG D 44 -22.27 -2.07 -42.94
N ASN D 45 -23.53 -2.00 -42.48
CA ASN D 45 -24.15 -3.14 -41.82
C ASN D 45 -24.23 -4.38 -42.71
N ILE D 46 -24.50 -4.19 -44.00
CA ILE D 46 -24.59 -5.32 -44.92
C ILE D 46 -23.22 -5.96 -45.05
N ALA D 47 -22.19 -5.13 -45.20
CA ALA D 47 -20.82 -5.62 -45.24
C ALA D 47 -20.47 -6.45 -44.01
N GLN D 48 -20.86 -5.94 -42.84
CA GLN D 48 -20.57 -6.65 -41.59
C GLN D 48 -21.29 -7.98 -41.51
N ASN D 49 -22.58 -8.00 -41.86
CA ASN D 49 -23.33 -9.25 -41.85
C ASN D 49 -22.74 -10.26 -42.84
N LEU D 50 -22.20 -9.77 -43.94
CA LEU D 50 -21.57 -10.63 -44.94
C LEU D 50 -20.31 -11.24 -44.34
N ALA D 51 -19.54 -10.42 -43.63
CA ALA D 51 -18.32 -10.92 -42.99
C ALA D 51 -18.64 -11.97 -41.92
N LEU D 52 -19.70 -11.74 -41.16
CA LEU D 52 -20.13 -12.69 -40.15
C LEU D 52 -20.73 -13.94 -40.80
N LEU D 53 -21.05 -13.85 -42.09
CA LEU D 53 -21.53 -15.00 -42.85
C LEU D 53 -20.37 -15.72 -43.54
N GLY D 54 -19.19 -15.12 -43.49
CA GLY D 54 -17.99 -15.80 -43.93
C GLY D 54 -17.39 -15.32 -45.23
N ASN D 55 -18.07 -14.40 -45.90
CA ASN D 55 -17.54 -13.89 -47.17
C ASN D 55 -16.48 -12.85 -46.87
N LYS D 56 -15.61 -12.59 -47.84
CA LYS D 56 -14.58 -11.60 -47.62
C LYS D 56 -15.10 -10.32 -48.25
N ALA D 57 -15.46 -9.36 -47.41
CA ALA D 57 -16.27 -8.23 -47.86
C ALA D 57 -15.52 -6.90 -47.84
N TRP D 58 -15.55 -6.23 -48.98
CA TRP D 58 -14.96 -4.90 -49.12
C TRP D 58 -15.99 -3.79 -49.08
N LEU D 59 -15.74 -2.82 -48.21
CA LEU D 59 -16.66 -1.71 -48.04
C LEU D 59 -16.14 -0.49 -48.79
N LEU D 60 -16.96 0.05 -49.68
CA LEU D 60 -16.63 1.29 -50.37
C LEU D 60 -17.60 2.35 -49.87
N SER D 61 -17.19 3.07 -48.83
CA SER D 61 -18.05 4.07 -48.22
C SER D 61 -17.31 5.37 -47.98
N ALA D 62 -17.91 6.26 -47.19
CA ALA D 62 -17.31 7.55 -46.90
C ALA D 62 -17.48 7.89 -45.43
N VAL D 63 -16.38 8.15 -44.74
CA VAL D 63 -16.42 8.69 -43.37
C VAL D 63 -15.56 9.95 -43.36
N GLY D 64 -15.68 10.75 -42.31
CA GLY D 64 -15.03 12.05 -42.29
C GLY D 64 -13.59 12.04 -41.80
N SER D 65 -12.94 13.19 -41.92
CA SER D 65 -11.56 13.38 -41.44
C SER D 65 -11.49 13.39 -39.92
N ASP D 66 -12.65 13.43 -39.27
CA ASP D 66 -12.73 13.36 -37.82
C ASP D 66 -12.21 12.03 -37.31
N PHE D 67 -12.08 11.91 -35.99
CA PHE D 67 -11.50 10.73 -35.36
C PHE D 67 -12.55 9.62 -35.23
N TYR D 68 -13.80 10.02 -35.11
CA TYR D 68 -14.90 9.09 -34.92
C TYR D 68 -15.16 8.32 -36.22
N GLY D 69 -14.78 8.93 -37.34
CA GLY D 69 -14.82 8.24 -38.61
C GLY D 69 -13.87 7.08 -38.58
N GLN D 70 -12.65 7.35 -38.11
CA GLN D 70 -11.61 6.33 -38.09
C GLN D 70 -11.98 5.25 -37.09
N SER D 71 -12.79 5.60 -36.10
CA SER D 71 -13.24 4.61 -35.13
C SER D 71 -14.36 3.74 -35.70
N LEU D 72 -15.19 4.34 -36.55
CA LEU D 72 -16.22 3.58 -37.25
C LEU D 72 -15.53 2.55 -38.14
N LEU D 73 -14.60 3.03 -38.96
CA LEU D 73 -13.78 2.17 -39.79
C LEU D 73 -13.10 1.06 -39.00
N THR D 74 -12.47 1.41 -37.88
CA THR D 74 -11.73 0.44 -37.07
C THR D 74 -12.62 -0.65 -36.48
N GLN D 75 -13.75 -0.24 -35.90
CA GLN D 75 -14.70 -1.20 -35.34
C GLN D 75 -15.20 -2.15 -36.43
N THR D 76 -15.48 -1.57 -37.60
CA THR D 76 -15.99 -2.36 -38.72
C THR D 76 -14.93 -3.35 -39.19
N ASN D 77 -13.69 -2.88 -39.25
CA ASN D 77 -12.56 -3.73 -39.67
C ASN D 77 -12.33 -4.88 -38.72
N GLN D 78 -12.48 -4.64 -37.43
CA GLN D 78 -12.26 -5.71 -36.47
C GLN D 78 -13.50 -6.58 -36.40
N SER D 79 -14.57 -6.17 -37.09
CA SER D 79 -15.71 -7.07 -37.24
C SER D 79 -15.51 -8.05 -38.40
N GLY D 80 -14.44 -7.83 -39.18
CA GLY D 80 -14.09 -8.75 -40.25
C GLY D 80 -14.16 -8.16 -41.64
N VAL D 81 -14.49 -6.87 -41.71
CA VAL D 81 -14.70 -6.20 -42.99
C VAL D 81 -13.43 -5.49 -43.46
N TYR D 82 -13.17 -5.56 -44.77
CA TYR D 82 -12.01 -4.90 -45.35
C TYR D 82 -12.38 -3.45 -45.69
N VAL D 83 -11.88 -2.52 -44.87
CA VAL D 83 -12.29 -1.13 -44.99
C VAL D 83 -11.23 -0.20 -45.59
N ASP D 84 -10.21 -0.78 -46.21
CA ASP D 84 -9.03 0.00 -46.60
C ASP D 84 -9.17 0.77 -47.92
N LYS D 85 -10.36 0.77 -48.50
CA LYS D 85 -10.67 1.67 -49.62
C LYS D 85 -11.80 2.63 -49.29
N CYS D 86 -12.30 2.57 -48.06
CA CYS D 86 -13.30 3.54 -47.63
C CYS D 86 -12.69 4.91 -47.70
N LEU D 87 -13.45 5.89 -48.15
CA LEU D 87 -12.90 7.23 -48.35
C LEU D 87 -12.93 8.04 -47.06
N ILE D 88 -11.78 8.62 -46.69
CA ILE D 88 -11.73 9.57 -45.59
C ILE D 88 -11.68 10.99 -46.17
N VAL D 89 -12.76 11.74 -45.95
CA VAL D 89 -12.90 13.07 -46.54
C VAL D 89 -12.52 14.16 -45.54
N PRO D 90 -11.61 15.05 -45.94
CA PRO D 90 -11.15 16.20 -45.15
C PRO D 90 -12.26 17.24 -44.94
N GLY D 91 -12.24 17.92 -43.80
CA GLY D 91 -13.14 19.03 -43.58
C GLY D 91 -14.56 18.71 -43.17
N GLU D 92 -15.09 17.57 -43.61
CA GLU D 92 -16.50 17.24 -43.36
C GLU D 92 -16.68 16.18 -42.29
N ASN D 93 -17.90 16.05 -41.78
CA ASN D 93 -18.13 15.21 -40.63
C ASN D 93 -18.71 13.86 -41.02
N THR D 94 -18.34 12.85 -40.24
CA THR D 94 -18.84 11.50 -40.45
C THR D 94 -20.34 11.50 -40.25
N SER D 95 -21.05 10.87 -41.18
CA SER D 95 -22.50 10.88 -41.16
C SER D 95 -23.01 10.11 -39.95
N SER D 96 -24.26 10.37 -39.57
CA SER D 96 -24.79 9.79 -38.34
C SER D 96 -26.32 9.74 -38.31
N TYR D 97 -26.84 8.87 -37.45
CA TYR D 97 -28.28 8.72 -37.25
C TYR D 97 -28.62 8.87 -35.77
N LEU D 98 -29.03 10.08 -35.39
CA LEU D 98 -29.40 10.38 -34.02
C LEU D 98 -30.83 9.92 -33.76
N SER D 99 -31.05 9.35 -32.57
CA SER D 99 -32.33 8.74 -32.25
C SER D 99 -32.66 8.87 -30.75
N LEU D 100 -33.69 9.68 -30.49
CA LEU D 100 -34.26 9.89 -29.15
C LEU D 100 -35.39 8.91 -28.88
N LEU D 101 -35.24 8.13 -27.81
CA LEU D 101 -36.24 7.12 -27.42
C LEU D 101 -36.84 7.39 -26.04
N ASP D 102 -37.61 6.41 -25.59
CA ASP D 102 -38.05 6.28 -24.20
C ASP D 102 -38.21 4.77 -24.08
N ASN D 103 -38.35 4.26 -22.87
CA ASN D 103 -38.53 2.84 -22.67
C ASN D 103 -39.75 2.28 -23.43
N GLU D 106 -38.97 2.46 -27.72
CA GLU D 106 -40.10 3.22 -28.24
C GLU D 106 -39.66 4.61 -28.70
N MET D 107 -39.50 4.78 -30.01
CA MET D 107 -38.98 6.03 -30.56
C MET D 107 -39.84 7.26 -30.27
N LEU D 108 -39.19 8.36 -29.93
CA LEU D 108 -39.83 9.68 -29.95
C LEU D 108 -39.42 10.47 -31.18
N VAL D 109 -38.13 10.51 -31.51
CA VAL D 109 -37.72 11.30 -32.66
C VAL D 109 -36.37 10.88 -33.22
N ALA D 110 -36.05 11.31 -34.45
CA ALA D 110 -34.80 10.94 -35.09
C ALA D 110 -34.32 12.00 -36.07
N ILE D 111 -33.00 12.12 -36.17
CA ILE D 111 -32.34 13.05 -37.08
C ILE D 111 -31.34 12.25 -37.90
N ASN D 112 -31.24 12.51 -39.20
CA ASN D 112 -30.15 11.90 -39.94
C ASN D 112 -29.30 12.97 -40.65
N ASP D 113 -27.99 12.84 -40.49
CA ASP D 113 -27.04 13.72 -41.16
C ASP D 113 -26.20 12.85 -42.06
N MET D 114 -26.54 12.79 -43.34
CA MET D 114 -25.96 11.82 -44.27
C MET D 114 -25.50 12.42 -45.59
N ASN D 115 -24.84 13.57 -45.56
CA ASN D 115 -24.56 14.28 -46.80
C ASN D 115 -23.20 13.86 -47.38
N ILE D 116 -22.34 13.26 -46.55
CA ILE D 116 -21.07 12.75 -47.05
C ILE D 116 -21.28 11.54 -47.96
N SER D 117 -22.50 11.01 -47.99
CA SER D 117 -22.83 9.96 -48.94
C SER D 117 -22.68 10.49 -50.35
N ASN D 118 -22.83 11.80 -50.51
CA ASN D 118 -22.65 12.45 -51.80
C ASN D 118 -21.18 12.53 -52.19
N ALA D 119 -20.29 12.19 -51.27
CA ALA D 119 -18.87 12.11 -51.57
C ALA D 119 -18.52 10.75 -52.17
N ILE D 120 -19.38 9.75 -51.92
CA ILE D 120 -19.22 8.46 -52.55
C ILE D 120 -19.54 8.66 -54.02
N THR D 121 -18.59 9.21 -54.75
CA THR D 121 -18.81 9.68 -56.13
C THR D 121 -18.49 8.66 -57.21
N ALA D 122 -18.73 9.04 -58.45
CA ALA D 122 -18.40 8.22 -59.62
C ALA D 122 -16.90 8.16 -59.83
N GLU D 123 -16.23 9.26 -59.56
CA GLU D 123 -14.78 9.35 -59.66
C GLU D 123 -14.11 8.33 -58.72
N TYR D 124 -14.59 8.35 -57.49
CA TYR D 124 -14.11 7.49 -56.42
C TYR D 124 -14.23 6.02 -56.81
N LEU D 125 -15.42 5.62 -57.25
CA LEU D 125 -15.66 4.23 -57.63
C LEU D 125 -14.85 3.87 -58.89
N ALA D 126 -14.68 4.86 -59.76
CA ALA D 126 -13.92 4.67 -60.99
C ALA D 126 -12.46 4.37 -60.70
N GLN D 127 -11.96 4.88 -59.58
CA GLN D 127 -10.58 4.55 -59.20
C GLN D 127 -10.47 3.12 -58.65
N HIS D 128 -11.61 2.45 -58.52
CA HIS D 128 -11.60 1.05 -58.13
C HIS D 128 -12.41 0.21 -59.10
N ARG D 129 -12.59 0.72 -60.31
CA ARG D 129 -13.27 -0.01 -61.38
C ARG D 129 -12.87 -1.48 -61.44
N GLU D 130 -11.60 -1.70 -61.70
CA GLU D 130 -11.00 -3.02 -61.83
C GLU D 130 -11.38 -3.92 -60.67
N PHE D 131 -11.15 -3.43 -59.45
CA PHE D 131 -11.42 -4.20 -58.24
C PHE D 131 -12.89 -4.57 -58.11
N ILE D 132 -13.76 -3.60 -58.41
CA ILE D 132 -15.20 -3.79 -58.32
C ILE D 132 -15.68 -4.83 -59.34
N GLN D 133 -15.13 -4.75 -60.55
CA GLN D 133 -15.53 -5.61 -61.66
C GLN D 133 -15.00 -7.03 -61.52
N ARG D 134 -14.22 -7.29 -60.48
CA ARG D 134 -13.70 -8.64 -60.27
C ARG D 134 -14.26 -9.24 -58.99
N ALA D 135 -15.39 -8.72 -58.54
CA ALA D 135 -16.06 -9.27 -57.38
C ALA D 135 -17.06 -10.33 -57.80
N LYS D 136 -17.39 -11.22 -56.89
CA LYS D 136 -18.42 -12.22 -57.16
C LYS D 136 -19.80 -11.57 -57.19
N VAL D 137 -19.97 -10.50 -56.40
CA VAL D 137 -21.24 -9.78 -56.35
C VAL D 137 -21.02 -8.37 -55.78
N ILE D 138 -21.76 -7.41 -56.31
CA ILE D 138 -21.75 -6.04 -55.80
C ILE D 138 -23.06 -5.71 -55.11
N VAL D 139 -22.98 -5.16 -53.89
CA VAL D 139 -24.20 -4.74 -53.20
C VAL D 139 -24.18 -3.23 -52.99
N ALA D 140 -25.23 -2.57 -53.45
CA ALA D 140 -25.31 -1.12 -53.38
C ALA D 140 -26.57 -0.70 -52.63
N ASP D 141 -26.50 0.39 -51.87
CA ASP D 141 -27.71 0.92 -51.25
C ASP D 141 -28.09 2.24 -51.92
N CYS D 142 -29.32 2.69 -51.71
CA CYS D 142 -29.77 3.89 -52.41
C CYS D 142 -29.58 5.16 -51.59
N ASN D 143 -28.72 5.07 -50.57
CA ASN D 143 -28.24 6.24 -49.86
C ASN D 143 -27.30 7.05 -50.75
N ILE D 144 -26.69 6.38 -51.72
CA ILE D 144 -25.73 7.05 -52.59
C ILE D 144 -26.49 7.87 -53.63
N SER D 145 -25.76 8.73 -54.34
CA SER D 145 -26.39 9.62 -55.31
C SER D 145 -26.89 8.85 -56.53
N GLU D 146 -27.72 9.49 -57.34
CA GLU D 146 -28.22 8.86 -58.54
C GLU D 146 -27.07 8.65 -59.51
N GLU D 147 -26.15 9.60 -59.53
CA GLU D 147 -24.98 9.52 -60.40
C GLU D 147 -24.11 8.33 -60.02
N ALA D 148 -24.00 8.08 -58.72
CA ALA D 148 -23.13 7.02 -58.26
C ALA D 148 -23.76 5.65 -58.53
N LEU D 149 -25.06 5.54 -58.27
CA LEU D 149 -25.76 4.29 -58.52
C LEU D 149 -25.79 3.98 -60.01
N ALA D 150 -25.98 5.02 -60.82
CA ALA D 150 -25.97 4.87 -62.26
C ALA D 150 -24.59 4.43 -62.73
N TRP D 151 -23.54 4.94 -62.10
CA TRP D 151 -22.21 4.52 -62.49
C TRP D 151 -21.98 3.06 -62.16
N ILE D 152 -22.43 2.63 -60.99
CA ILE D 152 -22.27 1.24 -60.60
C ILE D 152 -22.99 0.32 -61.57
N LEU D 153 -24.24 0.66 -61.88
CA LEU D 153 -25.03 -0.21 -62.75
C LEU D 153 -24.51 -0.16 -64.20
N ASP D 154 -23.86 0.95 -64.57
CA ASP D 154 -23.33 1.10 -65.92
C ASP D 154 -21.95 0.44 -66.08
N ASN D 155 -21.28 0.15 -64.97
CA ASN D 155 -19.94 -0.41 -65.06
C ASN D 155 -19.76 -1.69 -64.24
N ALA D 156 -20.78 -2.55 -64.20
CA ALA D 156 -20.70 -3.75 -63.37
C ALA D 156 -20.06 -4.91 -64.10
N ALA D 157 -19.96 -4.79 -65.42
CA ALA D 157 -19.29 -5.79 -66.25
C ALA D 157 -19.86 -7.17 -65.97
N ASN D 158 -21.18 -7.24 -65.98
CA ASN D 158 -21.92 -8.48 -65.79
C ASN D 158 -21.71 -9.11 -64.41
N VAL D 159 -21.21 -8.31 -63.46
CA VAL D 159 -21.26 -8.71 -62.06
C VAL D 159 -22.62 -8.31 -61.53
N PRO D 160 -23.35 -9.28 -60.96
CA PRO D 160 -24.69 -9.00 -60.41
C PRO D 160 -24.69 -7.88 -59.38
N VAL D 161 -25.57 -6.90 -59.55
CA VAL D 161 -25.73 -5.86 -58.54
C VAL D 161 -27.01 -6.10 -57.72
N PHE D 162 -26.82 -6.36 -56.43
CA PHE D 162 -27.90 -6.44 -55.46
C PHE D 162 -28.15 -5.06 -54.87
N VAL D 163 -29.38 -4.55 -55.01
CA VAL D 163 -29.68 -3.19 -54.55
C VAL D 163 -30.67 -3.16 -53.39
N ASP D 164 -30.26 -2.49 -52.32
CA ASP D 164 -31.13 -2.17 -51.19
C ASP D 164 -31.72 -0.78 -51.38
N PRO D 165 -33.06 -0.72 -51.48
CA PRO D 165 -33.81 0.50 -51.80
C PRO D 165 -33.82 1.50 -50.65
N VAL D 166 -33.52 1.02 -49.44
CA VAL D 166 -33.39 1.82 -48.22
C VAL D 166 -34.71 2.43 -47.73
N SER D 167 -35.23 3.41 -48.44
CA SER D 167 -36.46 4.08 -48.02
C SER D 167 -37.38 4.41 -49.18
N ALA D 168 -38.61 4.81 -48.85
CA ALA D 168 -39.60 5.18 -49.86
C ALA D 168 -39.12 6.40 -50.64
N TRP D 169 -38.37 7.25 -49.95
CA TRP D 169 -37.88 8.49 -50.56
C TRP D 169 -36.66 8.23 -51.44
N LYS D 170 -35.83 7.27 -51.02
CA LYS D 170 -34.56 7.03 -51.67
C LYS D 170 -34.61 5.92 -52.73
N CYS D 171 -35.70 5.15 -52.73
CA CYS D 171 -35.81 4.02 -53.63
C CYS D 171 -36.02 4.45 -55.08
N VAL D 172 -36.58 5.65 -55.27
CA VAL D 172 -37.06 6.07 -56.58
C VAL D 172 -35.98 6.09 -57.65
N LYS D 173 -34.73 6.28 -57.25
CA LYS D 173 -33.62 6.38 -58.19
C LYS D 173 -33.37 5.05 -58.90
N VAL D 174 -34.11 4.03 -58.49
CA VAL D 174 -33.98 2.69 -59.02
C VAL D 174 -34.98 2.44 -60.16
N ARG D 175 -36.05 3.24 -60.22
CA ARG D 175 -37.18 2.97 -61.12
C ARG D 175 -36.79 2.81 -62.59
N ASP D 176 -35.95 3.71 -63.09
CA ASP D 176 -35.55 3.69 -64.49
C ASP D 176 -34.36 2.77 -64.79
N ARG D 177 -33.92 1.96 -63.82
CA ARG D 177 -32.71 1.16 -64.02
C ARG D 177 -32.90 -0.26 -63.52
N LEU D 178 -34.15 -0.67 -63.44
CA LEU D 178 -34.49 -2.01 -62.98
C LEU D 178 -33.91 -3.09 -63.89
N ASN D 179 -33.62 -2.74 -65.15
CA ASN D 179 -33.06 -3.69 -66.09
C ASN D 179 -31.57 -3.92 -65.88
N GLN D 180 -30.97 -3.12 -65.00
CA GLN D 180 -29.56 -3.25 -64.70
C GLN D 180 -29.30 -3.89 -63.33
N ILE D 181 -30.37 -4.34 -62.69
CA ILE D 181 -30.28 -4.84 -61.32
C ILE D 181 -30.63 -6.31 -61.22
N HIS D 182 -29.76 -7.10 -60.60
CA HIS D 182 -29.98 -8.54 -60.47
C HIS D 182 -31.08 -8.87 -59.48
N THR D 183 -31.00 -8.25 -58.31
CA THR D 183 -31.94 -8.50 -57.22
C THR D 183 -32.28 -7.21 -56.47
N LEU D 184 -33.58 -6.93 -56.37
CA LEU D 184 -34.06 -5.77 -55.59
C LEU D 184 -34.88 -6.25 -54.41
N LYS D 185 -34.65 -5.65 -53.25
CA LYS D 185 -35.36 -6.03 -52.03
C LYS D 185 -36.15 -4.87 -51.44
N PRO D 186 -37.32 -4.57 -52.02
CA PRO D 186 -38.09 -3.47 -51.45
C PRO D 186 -39.07 -3.96 -50.40
N ASN D 187 -39.52 -3.07 -49.53
CA ASN D 187 -40.62 -3.38 -48.65
C ASN D 187 -41.92 -3.04 -49.36
N ARG D 188 -43.06 -3.20 -48.68
CA ARG D 188 -44.35 -2.86 -49.27
C ARG D 188 -44.40 -1.44 -49.82
N LEU D 189 -44.06 -0.50 -48.96
CA LEU D 189 -44.16 0.91 -49.30
C LEU D 189 -43.24 1.26 -50.46
N GLU D 190 -42.05 0.68 -50.47
CA GLU D 190 -41.08 0.94 -51.52
C GLU D 190 -41.58 0.39 -52.86
N ALA D 191 -42.16 -0.79 -52.83
CA ALA D 191 -42.71 -1.40 -54.04
C ALA D 191 -43.88 -0.57 -54.58
N GLU D 192 -44.72 -0.09 -53.67
CA GLU D 192 -45.84 0.77 -54.05
C GLU D 192 -45.32 2.06 -54.68
N THR D 193 -44.28 2.63 -54.07
CA THR D 193 -43.73 3.90 -54.55
C THR D 193 -43.08 3.75 -55.92
N LEU D 194 -42.47 2.60 -56.15
CA LEU D 194 -41.81 2.34 -57.43
C LEU D 194 -42.80 2.04 -58.54
N SER D 195 -43.73 1.12 -58.28
CA SER D 195 -44.64 0.65 -59.32
C SER D 195 -45.74 1.67 -59.61
N GLY D 196 -46.17 2.39 -58.58
CA GLY D 196 -47.32 3.28 -58.72
C GLY D 196 -48.59 2.46 -58.58
N ILE D 197 -48.45 1.26 -58.04
CA ILE D 197 -49.56 0.36 -57.82
C ILE D 197 -49.72 0.09 -56.34
N ALA D 198 -50.96 0.17 -55.85
CA ALA D 198 -51.21 0.01 -54.42
C ALA D 198 -51.11 -1.45 -54.00
N LEU D 199 -50.44 -1.68 -52.88
CA LEU D 199 -50.34 -3.00 -52.28
C LEU D 199 -51.32 -3.09 -51.11
N SER D 200 -52.60 -3.01 -51.44
CA SER D 200 -53.67 -3.05 -50.45
C SER D 200 -53.64 -4.38 -49.72
N GLY D 201 -53.42 -5.45 -50.47
CA GLY D 201 -53.40 -6.79 -49.92
C GLY D 201 -52.49 -7.74 -50.67
N ARG D 202 -52.50 -9.00 -50.27
CA ARG D 202 -51.67 -10.02 -50.89
C ARG D 202 -52.17 -10.36 -52.29
N ASP D 203 -53.34 -9.81 -52.65
CA ASP D 203 -53.84 -9.91 -54.02
C ASP D 203 -52.98 -9.17 -55.04
N ASP D 204 -52.30 -8.11 -54.59
CA ASP D 204 -51.68 -7.19 -55.54
C ASP D 204 -50.20 -7.45 -55.72
N VAL D 205 -49.67 -8.49 -55.08
CA VAL D 205 -48.25 -8.80 -55.22
C VAL D 205 -47.98 -9.23 -56.66
N ALA D 206 -48.95 -9.93 -57.25
CA ALA D 206 -48.80 -10.41 -58.62
C ALA D 206 -48.70 -9.27 -59.63
N LYS D 207 -49.62 -8.31 -59.58
CA LYS D 207 -49.56 -7.19 -60.52
C LYS D 207 -48.33 -6.32 -60.29
N VAL D 208 -47.93 -6.17 -59.02
CA VAL D 208 -46.76 -5.35 -58.71
C VAL D 208 -45.51 -6.01 -59.26
N ALA D 209 -45.36 -7.30 -59.00
CA ALA D 209 -44.23 -8.06 -59.48
C ALA D 209 -44.20 -8.08 -61.00
N ALA D 210 -45.37 -8.22 -61.60
CA ALA D 210 -45.48 -8.22 -63.05
C ALA D 210 -45.02 -6.87 -63.58
N TRP D 211 -45.34 -5.81 -62.85
CA TRP D 211 -44.90 -4.48 -63.26
C TRP D 211 -43.38 -4.38 -63.21
N PHE D 212 -42.81 -4.93 -62.15
CA PHE D 212 -41.35 -4.90 -61.96
C PHE D 212 -40.65 -5.66 -63.08
N HIS D 213 -41.19 -6.83 -63.42
CA HIS D 213 -40.61 -7.67 -64.44
C HIS D 213 -40.77 -7.08 -65.84
N GLN D 214 -41.89 -6.40 -66.12
CA GLN D 214 -42.04 -5.79 -67.43
C GLN D 214 -41.15 -4.56 -67.57
N HIS D 215 -40.66 -4.07 -66.44
CA HIS D 215 -39.72 -2.96 -66.48
C HIS D 215 -38.29 -3.47 -66.36
N GLY D 216 -38.13 -4.79 -66.41
CA GLY D 216 -36.83 -5.39 -66.61
C GLY D 216 -36.10 -5.89 -65.39
N LEU D 217 -36.78 -5.96 -64.25
CA LEU D 217 -36.14 -6.47 -63.03
C LEU D 217 -36.03 -7.98 -63.07
N ASN D 218 -34.80 -8.45 -62.92
CA ASN D 218 -34.50 -9.88 -62.90
C ASN D 218 -35.15 -10.61 -61.72
N ARG D 219 -34.85 -10.16 -60.50
CA ARG D 219 -35.42 -10.78 -59.32
C ARG D 219 -35.97 -9.78 -58.32
N LEU D 220 -37.14 -10.09 -57.80
CA LEU D 220 -37.80 -9.27 -56.78
C LEU D 220 -37.91 -10.05 -55.50
N VAL D 221 -37.37 -9.48 -54.43
CA VAL D 221 -37.58 -10.00 -53.07
C VAL D 221 -38.38 -8.97 -52.28
N LEU D 222 -39.67 -9.25 -52.15
CA LEU D 222 -40.66 -8.32 -51.60
C LEU D 222 -41.02 -8.66 -50.16
N SER D 223 -40.59 -7.85 -49.21
CA SER D 223 -40.96 -8.07 -47.81
C SER D 223 -42.27 -7.35 -47.48
N MET D 224 -43.27 -8.10 -47.04
CA MET D 224 -44.59 -7.53 -46.80
C MET D 224 -44.90 -7.40 -45.32
N GLY D 225 -43.93 -7.77 -44.49
CA GLY D 225 -44.11 -7.71 -43.05
C GLY D 225 -44.67 -9.02 -42.52
N GLY D 226 -45.87 -8.96 -41.97
CA GLY D 226 -46.49 -10.13 -41.37
C GLY D 226 -47.06 -11.07 -42.42
N ASP D 227 -47.37 -10.52 -43.59
CA ASP D 227 -47.87 -11.33 -44.69
C ASP D 227 -46.78 -12.30 -45.14
N GLY D 228 -45.53 -11.87 -45.05
CA GLY D 228 -44.39 -12.70 -45.38
C GLY D 228 -43.49 -12.10 -46.44
N VAL D 229 -42.68 -12.94 -47.07
CA VAL D 229 -41.86 -12.51 -48.20
C VAL D 229 -42.31 -13.13 -49.52
N TYR D 230 -42.69 -12.29 -50.48
CA TYR D 230 -43.02 -12.74 -51.83
C TYR D 230 -41.82 -12.56 -52.76
N TYR D 231 -41.35 -13.67 -53.33
CA TYR D 231 -40.21 -13.65 -54.24
C TYR D 231 -40.63 -14.00 -55.67
N SER D 232 -40.07 -13.28 -56.64
CA SER D 232 -40.44 -13.47 -58.05
C SER D 232 -39.24 -13.38 -58.98
N ASP D 233 -39.12 -14.38 -59.85
CA ASP D 233 -38.09 -14.41 -60.89
C ASP D 233 -38.69 -14.06 -62.24
N ILE D 234 -38.01 -13.19 -62.99
CA ILE D 234 -38.49 -12.78 -64.31
C ILE D 234 -38.65 -13.98 -65.26
N ARG D 235 -38.06 -15.12 -64.91
CA ARG D 235 -38.17 -16.34 -65.71
C ARG D 235 -39.37 -17.20 -65.31
N GLY D 236 -40.18 -16.70 -64.36
CA GLY D 236 -41.46 -17.32 -64.08
C GLY D 236 -41.68 -17.91 -62.71
N GLU D 237 -40.60 -18.22 -62.00
CA GLU D 237 -40.71 -18.76 -60.64
C GLU D 237 -41.13 -17.70 -59.62
N ASN D 238 -42.16 -18.01 -58.85
CA ASN D 238 -42.58 -17.12 -57.77
C ASN D 238 -43.12 -17.88 -56.59
N GLY D 239 -43.15 -17.22 -55.43
CA GLY D 239 -43.72 -17.85 -54.25
C GLY D 239 -43.74 -16.99 -53.00
N TRP D 240 -44.38 -17.51 -51.97
CA TRP D 240 -44.40 -16.88 -50.66
C TRP D 240 -43.53 -17.69 -49.71
N SER D 241 -42.93 -17.00 -48.75
CA SER D 241 -42.32 -17.66 -47.61
C SER D 241 -42.85 -16.97 -46.37
N ALA D 242 -43.47 -17.75 -45.50
CA ALA D 242 -44.08 -17.21 -44.29
C ALA D 242 -42.99 -16.80 -43.32
N PRO D 243 -43.24 -15.75 -42.53
CA PRO D 243 -42.20 -15.25 -41.63
C PRO D 243 -41.79 -16.28 -40.59
N ILE D 244 -40.51 -16.27 -40.24
CA ILE D 244 -40.02 -17.04 -39.10
C ILE D 244 -40.42 -16.32 -37.81
N LYS D 245 -41.40 -16.87 -37.11
CA LYS D 245 -41.89 -16.24 -35.89
C LYS D 245 -40.72 -16.17 -34.91
N THR D 246 -40.53 -15.01 -34.31
CA THR D 246 -39.28 -14.74 -33.62
C THR D 246 -39.43 -13.95 -32.32
N ASN D 247 -38.36 -13.94 -31.54
CA ASN D 247 -38.24 -13.10 -30.35
C ASN D 247 -37.79 -11.69 -30.70
N VAL D 248 -38.73 -10.81 -31.01
CA VAL D 248 -38.37 -9.47 -31.48
C VAL D 248 -37.98 -8.58 -30.31
N ILE D 249 -36.72 -8.17 -30.26
CA ILE D 249 -36.29 -7.18 -29.29
C ILE D 249 -36.12 -5.81 -29.98
N ASN D 250 -35.24 -5.72 -30.97
CA ASN D 250 -35.21 -4.54 -31.85
C ASN D 250 -35.35 -4.94 -33.33
N VAL D 251 -35.98 -4.09 -34.13
CA VAL D 251 -36.25 -4.44 -35.52
C VAL D 251 -35.19 -3.93 -36.49
N THR D 252 -34.36 -2.99 -36.03
CA THR D 252 -33.32 -2.39 -36.86
C THR D 252 -32.31 -3.43 -37.32
N GLY D 253 -31.81 -3.27 -38.55
CA GLY D 253 -30.79 -4.16 -39.08
C GLY D 253 -31.36 -5.45 -39.66
N ALA D 254 -32.68 -5.53 -39.69
CA ALA D 254 -33.38 -6.69 -40.24
C ALA D 254 -33.13 -6.82 -41.75
N GLY D 255 -33.52 -5.79 -42.49
CA GLY D 255 -33.38 -5.77 -43.93
C GLY D 255 -31.94 -5.84 -44.39
N ASP D 256 -31.04 -5.27 -43.60
CA ASP D 256 -29.60 -5.31 -43.90
C ASP D 256 -29.09 -6.75 -43.80
N ALA D 257 -29.60 -7.45 -42.80
CA ALA D 257 -29.25 -8.86 -42.60
C ALA D 257 -29.82 -9.71 -43.72
N MET D 258 -31.03 -9.38 -44.14
CA MET D 258 -31.67 -10.11 -45.25
C MET D 258 -30.88 -9.92 -46.53
N MET D 259 -30.48 -8.68 -46.79
CA MET D 259 -29.70 -8.39 -47.99
C MET D 259 -28.41 -9.20 -47.97
N ALA D 260 -27.76 -9.20 -46.81
CA ALA D 260 -26.53 -9.96 -46.66
C ALA D 260 -26.77 -11.44 -46.96
N GLY D 261 -27.86 -11.97 -46.44
CA GLY D 261 -28.22 -13.37 -46.68
C GLY D 261 -28.42 -13.68 -48.15
N LEU D 262 -29.10 -12.78 -48.86
CA LEU D 262 -29.38 -12.97 -50.29
C LEU D 262 -28.07 -13.00 -51.08
N ALA D 263 -27.24 -11.99 -50.87
CA ALA D 263 -25.99 -11.91 -51.62
C ALA D 263 -25.07 -13.10 -51.31
N SER D 264 -25.01 -13.46 -50.03
CA SER D 264 -24.15 -14.56 -49.60
C SER D 264 -24.60 -15.89 -50.19
N CYS D 265 -25.89 -16.17 -50.08
CA CYS D 265 -26.46 -17.40 -50.61
C CYS D 265 -26.28 -17.48 -52.12
N TRP D 266 -26.39 -16.33 -52.78
CA TRP D 266 -26.15 -16.28 -54.21
C TRP D 266 -24.72 -16.68 -54.55
N VAL D 267 -23.78 -16.10 -53.81
CA VAL D 267 -22.37 -16.39 -54.05
C VAL D 267 -22.05 -17.86 -53.76
N ASP D 268 -22.83 -18.47 -52.87
CA ASP D 268 -22.62 -19.85 -52.49
C ASP D 268 -23.32 -20.86 -53.42
N GLY D 269 -23.93 -20.35 -54.49
CA GLY D 269 -24.60 -21.22 -55.44
C GLY D 269 -25.96 -21.74 -55.03
N MET D 270 -26.57 -21.16 -54.00
CA MET D 270 -27.89 -21.60 -53.55
C MET D 270 -29.00 -21.13 -54.49
N PRO D 271 -30.05 -21.96 -54.63
CA PRO D 271 -31.24 -21.60 -55.40
C PRO D 271 -31.98 -20.38 -54.83
N PHE D 272 -32.83 -19.76 -55.63
CA PHE D 272 -33.52 -18.53 -55.26
C PHE D 272 -34.35 -18.66 -53.97
N ALA D 273 -35.33 -19.56 -54.00
CA ALA D 273 -36.27 -19.71 -52.89
C ALA D 273 -35.58 -20.00 -51.56
N GLU D 274 -34.64 -20.94 -51.59
CA GLU D 274 -33.97 -21.37 -50.36
C GLU D 274 -33.02 -20.27 -49.87
N SER D 275 -32.59 -19.42 -50.79
CA SER D 275 -31.78 -18.26 -50.44
C SER D 275 -32.65 -17.24 -49.73
N VAL D 276 -33.92 -17.16 -50.15
CA VAL D 276 -34.85 -16.23 -49.53
C VAL D 276 -35.18 -16.68 -48.12
N ARG D 277 -35.45 -17.98 -47.97
CA ARG D 277 -35.73 -18.54 -46.65
C ARG D 277 -34.54 -18.31 -45.71
N PHE D 278 -33.34 -18.63 -46.19
CA PHE D 278 -32.11 -18.39 -45.42
C PHE D 278 -31.99 -16.94 -45.01
N ALA D 279 -32.29 -16.04 -45.96
CA ALA D 279 -32.21 -14.61 -45.69
C ALA D 279 -33.17 -14.19 -44.58
N GLN D 280 -34.38 -14.77 -44.59
CA GLN D 280 -35.35 -14.51 -43.53
C GLN D 280 -34.80 -14.97 -42.19
N GLY D 281 -34.12 -16.12 -42.18
CA GLY D 281 -33.51 -16.61 -40.96
C GLY D 281 -32.51 -15.61 -40.40
N CYS D 282 -31.66 -15.11 -41.31
CA CYS D 282 -30.71 -14.06 -40.95
C CYS D 282 -31.40 -12.86 -40.33
N SER D 283 -32.44 -12.37 -40.99
CA SER D 283 -33.09 -11.16 -40.53
C SER D 283 -33.73 -11.39 -39.16
N SER D 284 -34.17 -12.62 -38.92
CA SER D 284 -34.73 -13.01 -37.63
C SER D 284 -33.65 -12.93 -36.56
N MET D 285 -32.47 -13.48 -36.85
CA MET D 285 -31.33 -13.33 -35.94
C MET D 285 -31.10 -11.86 -35.62
N ALA D 286 -31.25 -11.00 -36.63
CA ALA D 286 -31.09 -9.57 -36.41
C ALA D 286 -32.19 -9.01 -35.51
N LEU D 287 -33.41 -9.52 -35.67
CA LEU D 287 -34.57 -9.03 -34.92
C LEU D 287 -34.43 -9.32 -33.42
N SER D 288 -33.63 -10.33 -33.08
CA SER D 288 -33.52 -10.77 -31.70
C SER D 288 -32.22 -10.31 -31.02
N CYS D 289 -31.62 -9.24 -31.55
CA CYS D 289 -30.40 -8.70 -30.96
C CYS D 289 -30.53 -7.19 -30.77
N GLU D 290 -30.20 -6.69 -29.57
CA GLU D 290 -30.33 -5.27 -29.24
C GLU D 290 -29.46 -4.40 -30.11
N TYR D 291 -28.44 -5.00 -30.71
CA TYR D 291 -27.43 -4.26 -31.44
C TYR D 291 -27.84 -4.24 -32.91
N THR D 292 -27.24 -3.35 -33.71
CA THR D 292 -27.63 -3.22 -35.11
C THR D 292 -27.27 -4.44 -35.95
N ASN D 293 -26.15 -5.05 -35.61
CA ASN D 293 -25.75 -6.31 -36.21
C ASN D 293 -25.55 -7.35 -35.11
N ASN D 294 -25.98 -8.58 -35.35
CA ASN D 294 -25.79 -9.65 -34.38
C ASN D 294 -24.48 -10.40 -34.65
N PRO D 295 -23.55 -10.33 -33.67
CA PRO D 295 -22.24 -11.01 -33.76
C PRO D 295 -22.31 -12.53 -33.59
N ASP D 296 -23.50 -13.08 -33.40
CA ASP D 296 -23.66 -14.53 -33.43
C ASP D 296 -24.44 -14.97 -34.65
N LEU D 297 -24.49 -14.11 -35.66
CA LEU D 297 -25.02 -14.50 -36.96
C LEU D 297 -24.01 -15.37 -37.67
N SER D 298 -24.44 -16.59 -38.01
CA SER D 298 -23.55 -17.56 -38.63
C SER D 298 -24.35 -18.49 -39.51
N ILE D 299 -23.71 -19.02 -40.54
CA ILE D 299 -24.32 -20.03 -41.40
C ILE D 299 -24.86 -21.14 -40.50
N ALA D 300 -24.08 -21.50 -39.48
CA ALA D 300 -24.46 -22.54 -38.53
C ALA D 300 -25.81 -22.24 -37.85
N ASN D 301 -25.93 -21.07 -37.21
CA ASN D 301 -27.09 -20.84 -36.37
C ASN D 301 -28.25 -20.19 -37.13
N VAL D 302 -28.00 -19.71 -38.34
CA VAL D 302 -29.10 -19.38 -39.23
C VAL D 302 -29.68 -20.68 -39.76
N ILE D 303 -28.84 -21.61 -40.17
CA ILE D 303 -29.34 -22.91 -40.63
C ILE D 303 -30.04 -23.65 -39.49
N SER D 304 -29.62 -23.43 -38.25
CA SER D 304 -30.34 -24.01 -37.14
C SER D 304 -31.65 -23.28 -36.89
N LEU D 305 -31.69 -21.97 -37.14
CA LEU D 305 -32.96 -21.23 -37.05
C LEU D 305 -33.96 -21.55 -38.18
N VAL D 306 -33.46 -22.00 -39.32
CA VAL D 306 -34.33 -22.29 -40.47
C VAL D 306 -34.75 -23.75 -40.48
N GLU D 307 -33.85 -24.65 -40.09
CA GLU D 307 -34.21 -26.06 -40.00
C GLU D 307 -35.09 -26.26 -38.78
N ASN D 308 -35.16 -25.26 -37.91
CA ASN D 308 -36.01 -25.44 -36.75
C ASN D 308 -37.47 -25.24 -37.16
N ALA D 309 -37.68 -24.93 -38.42
CA ALA D 309 -39.01 -24.80 -38.97
C ALA D 309 -39.74 -26.13 -38.95
K K E . 7.90 -21.67 35.37
N1 URI F . 6.76 -9.41 31.04
C2 URI F . 6.19 -8.79 29.94
N3 URI F . 5.62 -7.56 30.17
C4 URI F . 5.58 -6.89 31.37
C5 URI F . 6.20 -7.58 32.47
C6 URI F . 6.76 -8.78 32.27
O2 URI F . 6.18 -9.31 28.83
O4 URI F . 5.03 -5.78 31.41
C1' URI F . 7.39 -10.73 30.82
C2' URI F . 8.72 -10.91 31.56
C3' URI F . 8.77 -12.43 31.78
C4' URI F . 7.30 -12.83 31.86
O2' URI F . 9.79 -10.42 30.77
O3' URI F . 9.36 -13.03 30.63
O4' URI F . 6.52 -11.72 31.32
C5' URI F . 6.78 -13.17 33.24
O5' URI F . 5.56 -13.90 33.17
K K G . 33.67 4.44 32.48
N1 URI H . 34.64 -7.34 38.02
C2 URI H . 35.50 -8.43 37.95
N3 URI H . 35.68 -9.12 39.13
C4 URI H . 35.09 -8.86 40.34
C5 URI H . 34.20 -7.72 40.33
C6 URI H . 34.00 -7.02 39.21
O2 URI H . 36.07 -8.73 36.92
O4 URI H . 35.34 -9.58 41.31
C1' URI H . 34.42 -6.59 36.77
C2' URI H . 33.00 -6.10 36.58
C3' URI H . 33.19 -4.87 35.68
C4' URI H . 34.58 -4.35 36.08
O2' URI H . 32.21 -7.11 35.97
O3' URI H . 33.19 -5.29 34.32
O4' URI H . 35.24 -5.43 36.79
C5' URI H . 34.62 -3.11 36.92
O5' URI H . 35.94 -2.57 36.99
K K I . -17.43 27.43 -26.58
N1 URI J . -20.72 18.04 -18.65
C2 URI J . -20.07 17.32 -17.64
N3 URI J . -20.89 16.88 -16.62
C4 URI J . -22.24 17.07 -16.50
C5 URI J . -22.84 17.80 -17.59
C6 URI J . -22.08 18.25 -18.60
O2 URI J . -18.88 17.12 -17.66
O4 URI J . -22.83 16.59 -15.52
C1' URI J . -19.87 18.52 -19.76
C2' URI J . -20.51 18.36 -21.14
C3' URI J . -19.86 19.50 -21.94
C4' URI J . -19.58 20.57 -20.88
O2' URI J . -20.24 17.08 -21.67
O3' URI J . -18.63 19.03 -22.48
O4' URI J . -19.66 19.91 -19.59
C5' URI J . -20.50 21.76 -20.88
O5' URI J . -19.99 22.82 -20.09
K K K . -30.67 -5.82 -34.81
N1 URI L . -29.74 4.59 -42.35
C2 URI L . -29.30 4.74 -43.64
N3 URI L . -29.92 5.69 -44.39
C4 URI L . -30.94 6.53 -43.98
C5 URI L . -31.35 6.33 -42.62
C6 URI L . -30.75 5.39 -41.86
O2 URI L . -28.40 4.04 -44.09
O4 URI L . -31.39 7.35 -44.79
C1' URI L . -29.07 3.56 -41.53
C2' URI L . -29.03 3.88 -40.04
C3' URI L . -28.94 2.49 -39.41
C4' URI L . -29.65 1.58 -40.42
O2' URI L . -27.91 4.70 -39.74
O3' URI L . -27.57 2.12 -39.30
O4' URI L . -29.76 2.34 -41.65
C5' URI L . -31.02 1.08 -40.03
O5' URI L . -31.45 0.03 -40.88
#